data_1FPM
#
_entry.id   1FPM
#
_cell.length_a   160.876
_cell.length_b   160.876
_cell.length_c   256.118
_cell.angle_alpha   90.00
_cell.angle_beta   90.00
_cell.angle_gamma   120.00
#
_symmetry.space_group_name_H-M   'H 3 2'
#
loop_
_entity.id
_entity.type
_entity.pdbx_description
1 polymer 'FORMATE--TETRAHYDROFOLATE LIGASE'
2 non-polymer 'SULFATE ION'
3 non-polymer 'CESIUM ION'
4 water water
#
_entity_poly.entity_id   1
_entity_poly.type   'polypeptide(L)'
_entity_poly.pdbx_seq_one_letter_code
;MSKVPSDIEIAQAAKMKPVMELARGLGIQEDEVELYGKYKAKISLDVYRRLKDKPDGKLILVTAITPTPAGEGKTTTSVG
LTDALARLGKRVMVCLREPSLGPSFGIKGGAAGGGYAQVVPMEDINLHFTGDIHAVTYAHNLLAAMVDNHLQQGNVLNID
PRTITWRRVIDLNDRALRNIVIGLGGKANGVPRETGFDISVASEVMACLCLASDLMDLKERFSRIVVGYTYDGKPVTAGD
LEAQGSMALLMKDAIKPNLVQTLENTPAFIHGGPFANIAHGCNSIIATKTALKLADYVVTEAGFGADLGAEKFYDVKCRY
AGFKPDATVIVATVRALKMHGGVPKSDLATENLEALREGFANLEKHIENIGKFGVPAVVAINAFPTDTEAELNLLYELCA
KAGAEVALSWAKGGEGGLELARKVLQTLESRPSNFHVLYNLDLSIKDKIAKIATEIYGADGVNYTAEADKAIQRYESLGY
GNLPVVMAKTQYSFSDDMTKLGRPRNFTITVREVRLSAGGRLIVPITGAIMTMPGLPKRPAACNIDIDADGVITGLF
;
_entity_poly.pdbx_strand_id   A,B
#
loop_
_chem_comp.id
_chem_comp.type
_chem_comp.name
_chem_comp.formula
CS non-polymer 'CESIUM ION' 'Cs 1'
SO4 non-polymer 'SULFATE ION' 'O4 S -2'
#
# COMPACT_ATOMS: atom_id res chain seq x y z
N ASP A 7 -20.39 14.84 -41.34
CA ASP A 7 -20.46 13.36 -41.28
C ASP A 7 -19.86 12.89 -39.97
N ILE A 8 -19.22 13.79 -39.22
CA ILE A 8 -18.69 13.40 -37.92
C ILE A 8 -19.96 13.18 -37.13
N GLU A 9 -19.86 12.48 -36.00
CA GLU A 9 -21.06 12.21 -35.23
C GLU A 9 -21.91 13.42 -34.81
N ILE A 10 -21.30 14.50 -34.32
CA ILE A 10 -22.11 15.64 -33.94
C ILE A 10 -22.56 16.44 -35.16
N ALA A 11 -21.82 16.32 -36.27
CA ALA A 11 -22.18 17.04 -37.50
C ALA A 11 -23.53 16.51 -37.98
N GLN A 12 -24.03 15.50 -37.28
CA GLN A 12 -25.31 14.91 -37.63
C GLN A 12 -26.37 15.41 -36.66
N ALA A 13 -26.80 16.64 -36.93
CA ALA A 13 -27.83 17.34 -36.18
C ALA A 13 -29.04 17.45 -37.11
N ALA A 14 -30.11 16.73 -36.77
CA ALA A 14 -31.30 16.76 -37.60
C ALA A 14 -32.60 16.29 -36.92
N LYS A 15 -33.66 17.04 -37.25
CA LYS A 15 -35.06 16.89 -36.83
C LYS A 15 -35.48 15.98 -35.65
N MET A 16 -35.81 16.62 -34.54
CA MET A 16 -36.28 15.91 -33.34
C MET A 16 -37.75 16.28 -33.20
N LYS A 17 -38.54 15.43 -32.56
CA LYS A 17 -39.94 15.76 -32.35
C LYS A 17 -40.14 16.20 -30.90
N PRO A 18 -41.02 17.18 -30.68
CA PRO A 18 -41.25 17.63 -29.30
C PRO A 18 -41.59 16.45 -28.37
N VAL A 19 -40.86 16.33 -27.26
CA VAL A 19 -41.08 15.22 -26.33
C VAL A 19 -42.50 15.10 -25.80
N MET A 20 -43.30 16.15 -25.93
CA MET A 20 -44.68 16.06 -25.46
C MET A 20 -45.36 15.19 -26.50
N GLU A 21 -45.04 15.45 -27.77
CA GLU A 21 -45.63 14.67 -28.83
C GLU A 21 -45.25 13.23 -28.52
N LEU A 22 -43.98 13.04 -28.16
CA LEU A 22 -43.47 11.71 -27.82
C LEU A 22 -44.19 11.11 -26.60
N ALA A 23 -44.15 11.81 -25.47
CA ALA A 23 -44.81 11.33 -24.25
C ALA A 23 -46.26 10.97 -24.60
N ARG A 24 -46.86 11.85 -25.40
CA ARG A 24 -48.24 11.67 -25.85
C ARG A 24 -48.33 10.36 -26.62
N GLY A 25 -47.62 10.30 -27.76
CA GLY A 25 -47.63 9.11 -28.59
C GLY A 25 -46.91 7.95 -27.92
N LEU A 26 -47.27 7.68 -26.67
CA LEU A 26 -46.67 6.61 -25.88
C LEU A 26 -47.63 6.33 -24.71
N GLY A 27 -48.52 7.29 -24.45
CA GLY A 27 -49.48 7.12 -23.37
C GLY A 27 -49.26 7.91 -22.10
N ILE A 28 -48.34 8.86 -22.16
CA ILE A 28 -48.06 9.66 -20.97
C ILE A 28 -48.95 10.88 -20.98
N GLN A 29 -49.58 11.15 -19.85
CA GLN A 29 -50.48 12.31 -19.71
C GLN A 29 -49.67 13.61 -19.73
N GLU A 30 -50.30 14.69 -20.21
CA GLU A 30 -49.61 15.97 -20.26
C GLU A 30 -49.24 16.50 -18.87
N ASP A 31 -50.06 16.19 -17.86
CA ASP A 31 -49.80 16.66 -16.50
C ASP A 31 -48.63 15.94 -15.82
N GLU A 32 -48.11 14.92 -16.48
CA GLU A 32 -46.99 14.16 -15.93
C GLU A 32 -45.74 14.48 -16.72
N VAL A 33 -45.68 15.65 -17.33
CA VAL A 33 -44.48 16.00 -18.09
C VAL A 33 -43.92 17.34 -17.72
N GLU A 34 -42.74 17.33 -17.10
CA GLU A 34 -42.08 18.56 -16.70
C GLU A 34 -41.04 18.80 -17.79
N LEU A 35 -41.40 19.66 -18.73
CA LEU A 35 -40.58 20.01 -19.89
C LEU A 35 -39.31 20.81 -19.58
N TYR A 36 -38.34 20.71 -20.50
CA TYR A 36 -37.07 21.42 -20.43
C TYR A 36 -36.84 21.61 -21.92
N GLY A 37 -37.17 22.79 -22.42
CA GLY A 37 -37.06 23.03 -23.84
C GLY A 37 -38.24 22.25 -24.37
N LYS A 38 -38.25 21.90 -25.65
CA LYS A 38 -39.35 21.13 -26.22
C LYS A 38 -38.82 19.73 -26.51
N TYR A 39 -37.56 19.50 -26.13
CA TYR A 39 -36.92 18.22 -26.38
C TYR A 39 -36.31 17.54 -25.15
N LYS A 40 -36.98 17.69 -24.00
CA LYS A 40 -36.52 17.10 -22.75
C LYS A 40 -37.69 17.06 -21.75
N ALA A 41 -37.69 16.08 -20.86
CA ALA A 41 -38.80 16.00 -19.94
C ALA A 41 -38.57 15.11 -18.71
N LYS A 42 -39.16 15.49 -17.60
CA LYS A 42 -39.04 14.69 -16.40
C LYS A 42 -40.44 14.16 -16.14
N ILE A 43 -40.61 12.89 -16.48
CA ILE A 43 -41.87 12.16 -16.34
C ILE A 43 -42.17 11.78 -14.88
N SER A 44 -43.38 12.07 -14.43
CA SER A 44 -43.75 11.75 -13.06
C SER A 44 -43.64 10.24 -12.78
N LEU A 45 -43.31 9.90 -11.54
CA LEU A 45 -43.25 8.49 -11.20
C LEU A 45 -44.67 7.95 -11.12
N ASP A 46 -45.66 8.83 -11.31
CA ASP A 46 -47.07 8.43 -11.28
C ASP A 46 -47.38 7.58 -12.50
N VAL A 47 -46.72 7.90 -13.62
CA VAL A 47 -46.92 7.15 -14.85
C VAL A 47 -46.74 5.68 -14.52
N TYR A 48 -45.60 5.36 -13.92
CA TYR A 48 -45.34 3.99 -13.51
C TYR A 48 -46.41 3.58 -12.52
N ARG A 49 -46.32 4.15 -11.31
CA ARG A 49 -47.25 3.87 -10.21
C ARG A 49 -48.67 3.46 -10.61
N ARG A 50 -49.25 4.15 -11.59
CA ARG A 50 -50.60 3.80 -11.98
C ARG A 50 -50.62 2.63 -12.96
N LEU A 51 -49.47 2.24 -13.49
CA LEU A 51 -49.39 1.13 -14.44
C LEU A 51 -48.92 -0.21 -13.84
N LYS A 52 -48.28 -0.16 -12.68
CA LYS A 52 -47.76 -1.34 -11.98
C LYS A 52 -48.49 -2.67 -12.17
N ASP A 53 -49.79 -2.64 -12.47
CA ASP A 53 -50.56 -3.87 -12.63
C ASP A 53 -50.49 -4.51 -14.01
N LYS A 54 -50.23 -3.72 -15.06
CA LYS A 54 -50.14 -4.28 -16.40
C LYS A 54 -48.93 -5.24 -16.50
N PRO A 55 -48.73 -5.90 -17.64
CA PRO A 55 -47.58 -6.81 -17.75
C PRO A 55 -46.33 -6.04 -18.18
N ASP A 56 -45.15 -6.60 -17.94
CA ASP A 56 -43.90 -5.95 -18.35
C ASP A 56 -43.53 -6.21 -19.81
N GLY A 57 -42.67 -5.36 -20.35
CA GLY A 57 -42.24 -5.54 -21.71
C GLY A 57 -41.09 -6.53 -21.73
N LYS A 58 -40.47 -6.69 -22.89
CA LYS A 58 -39.36 -7.61 -22.99
C LYS A 58 -38.11 -6.82 -22.66
N LEU A 59 -37.32 -7.33 -21.73
CA LEU A 59 -36.09 -6.67 -21.32
C LEU A 59 -34.92 -7.31 -22.02
N ILE A 60 -34.25 -6.49 -22.82
CA ILE A 60 -33.09 -6.88 -23.61
C ILE A 60 -31.90 -6.12 -23.06
N LEU A 61 -30.96 -6.81 -22.43
CA LEU A 61 -29.78 -6.13 -21.91
C LEU A 61 -28.67 -6.25 -22.92
N VAL A 62 -28.06 -5.13 -23.26
CA VAL A 62 -26.96 -5.22 -24.19
C VAL A 62 -25.68 -5.03 -23.39
N THR A 63 -24.69 -5.88 -23.68
CA THR A 63 -23.40 -5.82 -23.02
C THR A 63 -22.38 -5.91 -24.12
N ALA A 64 -21.11 -6.10 -23.73
CA ALA A 64 -20.01 -6.21 -24.68
C ALA A 64 -18.87 -7.10 -24.15
N ILE A 65 -17.86 -7.29 -24.99
CA ILE A 65 -16.68 -8.10 -24.68
C ILE A 65 -15.63 -7.29 -23.91
N THR A 66 -14.66 -7.98 -23.31
CA THR A 66 -13.59 -7.30 -22.60
C THR A 66 -13.22 -6.07 -23.42
N PRO A 67 -13.46 -4.87 -22.89
CA PRO A 67 -13.08 -3.72 -23.71
C PRO A 67 -11.58 -3.44 -23.81
N THR A 68 -11.13 -3.23 -25.03
CA THR A 68 -9.73 -2.91 -25.29
C THR A 68 -9.69 -1.56 -26.01
N PRO A 69 -8.49 -0.95 -26.11
CA PRO A 69 -8.32 0.34 -26.78
C PRO A 69 -8.80 0.39 -28.25
N ALA A 70 -8.90 -0.79 -28.88
CA ALA A 70 -9.34 -0.91 -30.28
C ALA A 70 -10.79 -0.48 -30.51
N GLY A 71 -11.64 -0.66 -29.48
CA GLY A 71 -13.03 -0.25 -29.58
C GLY A 71 -13.98 -1.40 -29.90
N GLU A 72 -15.26 -1.20 -29.55
CA GLU A 72 -16.32 -2.19 -29.80
C GLU A 72 -17.59 -1.46 -30.30
N GLY A 73 -18.14 -0.62 -29.43
CA GLY A 73 -19.34 0.16 -29.79
C GLY A 73 -20.62 -0.37 -29.13
N LYS A 74 -20.75 -0.15 -27.82
CA LYS A 74 -21.92 -0.64 -27.07
C LYS A 74 -23.18 0.18 -27.27
N THR A 75 -23.15 1.44 -26.86
CA THR A 75 -24.32 2.29 -26.99
C THR A 75 -24.77 2.39 -28.45
N THR A 76 -23.80 2.58 -29.35
CA THR A 76 -24.13 2.69 -30.75
C THR A 76 -25.09 1.58 -31.07
N THR A 77 -24.72 0.35 -30.73
CA THR A 77 -25.63 -0.77 -30.99
C THR A 77 -26.92 -0.57 -30.18
N SER A 78 -26.78 -0.43 -28.87
CA SER A 78 -27.93 -0.23 -28.00
C SER A 78 -29.00 0.63 -28.65
N VAL A 79 -28.57 1.73 -29.27
CA VAL A 79 -29.48 2.66 -29.93
C VAL A 79 -29.92 2.11 -31.30
N GLY A 80 -28.95 1.58 -32.04
CA GLY A 80 -29.25 1.02 -33.33
C GLY A 80 -30.24 -0.11 -33.17
N LEU A 81 -29.98 -0.98 -32.22
CA LEU A 81 -30.87 -2.11 -31.97
C LEU A 81 -32.27 -1.58 -31.74
N THR A 82 -32.36 -0.48 -30.99
CA THR A 82 -33.65 0.13 -30.68
C THR A 82 -34.32 0.55 -31.98
N ASP A 83 -33.74 1.56 -32.62
CA ASP A 83 -34.26 2.10 -33.87
C ASP A 83 -34.74 1.02 -34.82
N ALA A 84 -34.00 -0.08 -34.86
CA ALA A 84 -34.31 -1.21 -35.72
C ALA A 84 -35.62 -1.83 -35.27
N LEU A 85 -35.68 -2.24 -34.01
CA LEU A 85 -36.90 -2.82 -33.47
C LEU A 85 -38.10 -1.94 -33.80
N ALA A 86 -37.89 -0.64 -33.71
CA ALA A 86 -38.94 0.30 -34.03
C ALA A 86 -39.35 0.17 -35.51
N ARG A 87 -38.36 0.24 -36.41
CA ARG A 87 -38.62 0.15 -37.85
C ARG A 87 -39.39 -1.12 -38.20
N LEU A 88 -39.18 -2.18 -37.42
CA LEU A 88 -39.88 -3.45 -37.67
C LEU A 88 -41.24 -3.42 -36.99
N GLY A 89 -41.73 -2.21 -36.74
CA GLY A 89 -43.03 -1.99 -36.13
C GLY A 89 -43.17 -2.18 -34.63
N LYS A 90 -42.18 -2.81 -34.01
CA LYS A 90 -42.24 -3.07 -32.57
C LYS A 90 -42.26 -1.82 -31.67
N ARG A 91 -43.09 -1.86 -30.64
CA ARG A 91 -43.20 -0.74 -29.70
C ARG A 91 -42.04 -0.86 -28.72
N VAL A 92 -41.13 0.11 -28.74
CA VAL A 92 -39.96 0.05 -27.85
C VAL A 92 -39.31 1.38 -27.44
N MET A 93 -38.64 1.35 -26.29
CA MET A 93 -37.89 2.50 -25.75
C MET A 93 -36.46 2.02 -25.48
N VAL A 94 -35.59 2.93 -25.02
CA VAL A 94 -34.17 2.61 -24.72
C VAL A 94 -33.78 3.34 -23.47
N CYS A 95 -33.07 2.70 -22.57
CA CYS A 95 -32.67 3.41 -21.36
C CYS A 95 -31.15 3.51 -21.27
N LEU A 96 -30.65 4.75 -21.27
CA LEU A 96 -29.21 5.02 -21.22
C LEU A 96 -28.84 6.11 -20.19
N ARG A 97 -27.59 6.06 -19.69
CA ARG A 97 -27.07 6.97 -18.66
C ARG A 97 -26.62 8.37 -19.12
N GLU A 98 -26.72 9.38 -18.23
CA GLU A 98 -26.22 10.73 -18.57
C GLU A 98 -24.74 10.67 -18.22
N PRO A 99 -23.86 10.94 -19.20
CA PRO A 99 -22.40 10.91 -18.96
C PRO A 99 -21.97 12.00 -18.00
N SER A 100 -20.74 11.88 -17.49
CA SER A 100 -20.16 12.87 -16.57
C SER A 100 -19.75 14.12 -17.37
N LEU A 101 -19.61 15.27 -16.72
CA LEU A 101 -19.22 16.50 -17.43
C LEU A 101 -17.73 16.59 -17.80
N GLY A 102 -16.87 16.47 -16.79
CA GLY A 102 -15.43 16.55 -17.00
C GLY A 102 -14.93 15.93 -18.28
N PRO A 103 -15.42 14.72 -18.63
CA PRO A 103 -14.99 14.04 -19.86
C PRO A 103 -15.05 14.93 -21.11
N SER A 104 -15.90 15.95 -21.05
CA SER A 104 -16.04 16.88 -22.17
C SER A 104 -14.83 17.82 -22.29
N PHE A 105 -14.35 18.32 -21.15
CA PHE A 105 -13.25 19.28 -21.14
C PHE A 105 -11.82 18.73 -21.03
N GLY A 106 -11.70 17.43 -20.79
CA GLY A 106 -10.38 16.83 -20.68
C GLY A 106 -10.00 16.07 -21.93
N ILE A 107 -10.87 15.16 -22.35
CA ILE A 107 -10.59 14.37 -23.55
C ILE A 107 -11.73 14.43 -24.56
N LYS A 108 -12.53 15.49 -24.49
CA LYS A 108 -13.65 15.72 -25.41
C LYS A 108 -14.85 14.82 -25.22
N GLY A 109 -16.03 15.43 -25.34
CA GLY A 109 -17.27 14.69 -25.17
C GLY A 109 -17.67 13.93 -26.41
N GLY A 110 -18.34 12.80 -26.21
CA GLY A 110 -18.78 11.98 -27.34
C GLY A 110 -20.29 11.97 -27.43
N ALA A 111 -20.84 11.12 -28.28
CA ALA A 111 -22.29 11.05 -28.41
C ALA A 111 -22.87 9.77 -27.81
N ALA A 112 -24.17 9.81 -27.52
CA ALA A 112 -24.88 8.65 -26.97
C ALA A 112 -24.82 7.58 -28.06
N GLY A 113 -23.64 6.96 -28.20
CA GLY A 113 -23.44 5.96 -29.22
C GLY A 113 -22.65 6.63 -30.33
N GLY A 114 -23.27 6.78 -31.51
CA GLY A 114 -22.56 7.42 -32.60
C GLY A 114 -23.02 7.12 -34.02
N GLY A 115 -22.44 7.84 -34.98
CA GLY A 115 -22.84 7.65 -36.37
C GLY A 115 -24.32 8.00 -36.43
N TYR A 116 -25.11 7.16 -37.08
CA TYR A 116 -26.54 7.44 -37.12
C TYR A 116 -27.22 6.76 -35.95
N ALA A 117 -26.43 6.20 -35.04
CA ALA A 117 -26.95 5.51 -33.86
C ALA A 117 -26.72 6.29 -32.56
N GLN A 118 -27.65 7.19 -32.21
CA GLN A 118 -27.47 7.97 -31.00
C GLN A 118 -28.71 8.70 -30.51
N VAL A 119 -28.78 8.88 -29.20
CA VAL A 119 -29.89 9.57 -28.54
C VAL A 119 -29.58 11.06 -28.42
N VAL A 120 -30.55 11.91 -28.74
CA VAL A 120 -30.34 13.35 -28.68
C VAL A 120 -31.46 14.09 -27.91
N PRO A 121 -31.34 15.43 -27.69
CA PRO A 121 -30.30 16.42 -28.06
C PRO A 121 -28.90 16.16 -27.47
N MET A 122 -27.93 15.86 -28.32
CA MET A 122 -26.55 15.54 -27.91
C MET A 122 -25.88 16.54 -26.99
N GLU A 123 -25.72 17.78 -27.44
CA GLU A 123 -25.06 18.80 -26.64
C GLU A 123 -25.52 18.91 -25.19
N ASP A 124 -26.83 18.82 -24.97
CA ASP A 124 -27.37 18.93 -23.62
C ASP A 124 -26.97 17.74 -22.73
N ILE A 125 -27.31 16.55 -23.20
CA ILE A 125 -27.00 15.31 -22.50
C ILE A 125 -25.51 15.30 -22.13
N ASN A 126 -24.68 15.87 -23.02
CA ASN A 126 -23.24 15.93 -22.80
C ASN A 126 -22.78 17.05 -21.90
N LEU A 127 -23.69 17.97 -21.57
CA LEU A 127 -23.35 19.08 -20.69
C LEU A 127 -24.15 19.01 -19.40
N HIS A 128 -24.95 20.06 -19.18
CA HIS A 128 -25.79 20.13 -17.97
C HIS A 128 -27.04 19.28 -18.12
N PHE A 129 -27.31 18.81 -19.33
CA PHE A 129 -28.50 18.02 -19.63
C PHE A 129 -29.70 18.58 -18.84
N THR A 130 -30.23 17.87 -17.84
CA THR A 130 -31.37 18.44 -17.11
C THR A 130 -31.10 18.70 -15.64
N GLY A 131 -29.82 18.86 -15.29
CA GLY A 131 -29.45 19.14 -13.92
C GLY A 131 -29.52 17.99 -12.92
N ASP A 132 -29.56 16.76 -13.41
CA ASP A 132 -29.60 15.59 -12.54
C ASP A 132 -28.36 15.49 -11.66
N ILE A 133 -27.22 15.36 -12.32
CA ILE A 133 -25.93 15.26 -11.64
C ILE A 133 -25.73 16.36 -10.59
N HIS A 134 -26.05 17.61 -10.95
CA HIS A 134 -25.88 18.72 -10.00
C HIS A 134 -26.51 18.45 -8.65
N ALA A 135 -27.72 17.88 -8.65
CA ALA A 135 -28.40 17.59 -7.39
C ALA A 135 -27.56 16.57 -6.63
N VAL A 136 -27.12 15.53 -7.33
CA VAL A 136 -26.30 14.50 -6.73
C VAL A 136 -25.08 15.15 -6.11
N THR A 137 -24.41 16.00 -6.89
CA THR A 137 -23.23 16.71 -6.42
C THR A 137 -23.54 17.47 -5.13
N TYR A 138 -24.67 18.16 -5.08
CA TYR A 138 -25.04 18.91 -3.87
C TYR A 138 -25.64 18.06 -2.74
N ALA A 139 -26.51 17.11 -3.09
CA ALA A 139 -27.11 16.24 -2.06
C ALA A 139 -25.95 15.60 -1.30
N HIS A 140 -24.83 15.46 -2.02
CA HIS A 140 -23.62 14.86 -1.50
C HIS A 140 -22.79 15.85 -0.67
N ASN A 141 -22.35 16.95 -1.29
CA ASN A 141 -21.57 17.95 -0.57
C ASN A 141 -22.31 18.52 0.64
N LEU A 142 -23.64 18.51 0.62
CA LEU A 142 -24.41 19.02 1.77
C LEU A 142 -24.16 18.08 2.95
N LEU A 143 -24.35 16.78 2.72
CA LEU A 143 -24.10 15.79 3.77
C LEU A 143 -22.65 15.94 4.26
N ALA A 144 -21.72 16.16 3.33
CA ALA A 144 -20.33 16.32 3.68
C ALA A 144 -20.17 17.49 4.65
N ALA A 145 -20.97 18.54 4.43
CA ALA A 145 -20.90 19.73 5.28
C ALA A 145 -21.61 19.47 6.61
N MET A 146 -22.64 18.64 6.61
CA MET A 146 -23.34 18.36 7.85
C MET A 146 -22.40 17.60 8.75
N VAL A 147 -21.51 16.82 8.14
CA VAL A 147 -20.53 16.08 8.93
C VAL A 147 -19.59 17.12 9.54
N ASP A 148 -18.81 17.77 8.68
CA ASP A 148 -17.86 18.77 9.11
C ASP A 148 -18.49 19.74 10.09
N ASN A 149 -19.78 20.02 9.91
CA ASN A 149 -20.50 20.92 10.82
C ASN A 149 -20.65 20.25 12.18
N HIS A 150 -21.11 19.00 12.19
CA HIS A 150 -21.32 18.28 13.43
C HIS A 150 -20.07 18.25 14.30
N LEU A 151 -18.91 18.05 13.66
CA LEU A 151 -17.65 18.07 14.39
C LEU A 151 -17.58 19.50 14.95
N GLN A 152 -17.59 20.46 14.03
CA GLN A 152 -17.54 21.86 14.39
C GLN A 152 -18.52 22.24 15.48
N GLN A 153 -19.57 21.44 15.66
CA GLN A 153 -20.56 21.78 16.68
C GLN A 153 -20.42 21.15 18.06
N GLY A 154 -19.36 20.40 18.28
CA GLY A 154 -19.20 19.77 19.57
C GLY A 154 -19.13 18.26 19.42
N ASN A 155 -19.38 17.80 18.20
CA ASN A 155 -19.32 16.38 17.88
C ASN A 155 -19.98 15.46 18.91
N VAL A 156 -21.28 15.68 19.11
CA VAL A 156 -22.10 14.90 20.04
C VAL A 156 -22.04 13.40 19.77
N LEU A 157 -22.28 13.06 18.51
CA LEU A 157 -22.29 11.67 18.06
C LEU A 157 -20.95 10.98 18.28
N ASN A 158 -19.94 11.79 18.58
CA ASN A 158 -18.59 11.30 18.84
C ASN A 158 -17.93 10.53 17.68
N ILE A 159 -17.81 11.20 16.54
CA ILE A 159 -17.20 10.65 15.33
C ILE A 159 -15.69 10.95 15.29
N ASP A 160 -14.86 9.92 15.33
CA ASP A 160 -13.41 10.10 15.22
C ASP A 160 -13.11 10.52 13.75
N PRO A 161 -13.03 11.85 13.49
CA PRO A 161 -12.77 12.41 12.15
C PRO A 161 -11.84 11.61 11.26
N ARG A 162 -10.79 11.06 11.82
CA ARG A 162 -9.83 10.30 11.02
C ARG A 162 -10.42 9.02 10.48
N THR A 163 -11.72 8.79 10.72
CA THR A 163 -12.36 7.56 10.25
C THR A 163 -13.42 7.88 9.20
N ILE A 164 -13.60 9.17 8.90
CA ILE A 164 -14.59 9.58 7.91
C ILE A 164 -14.29 9.02 6.51
N THR A 165 -15.29 8.33 5.96
CA THR A 165 -15.16 7.77 4.64
C THR A 165 -15.94 8.64 3.64
N TRP A 166 -17.04 9.23 4.09
CA TRP A 166 -17.84 10.10 3.21
C TRP A 166 -16.94 11.20 2.64
N ARG A 167 -16.36 10.99 1.47
CA ARG A 167 -15.50 12.04 0.90
C ARG A 167 -16.37 13.13 0.29
N ARG A 168 -15.76 14.15 -0.27
CA ARG A 168 -16.52 15.23 -0.88
C ARG A 168 -16.51 15.00 -2.41
N VAL A 169 -17.41 15.64 -3.15
CA VAL A 169 -17.41 15.37 -4.60
C VAL A 169 -17.65 16.56 -5.55
N ILE A 170 -17.26 16.39 -6.81
CA ILE A 170 -17.41 17.40 -7.84
C ILE A 170 -17.38 16.74 -9.24
N ASP A 171 -18.19 17.25 -10.17
CA ASP A 171 -18.29 16.63 -11.51
C ASP A 171 -17.25 17.01 -12.59
N LEU A 172 -15.99 17.20 -12.19
CA LEU A 172 -14.92 17.56 -13.13
C LEU A 172 -13.69 16.69 -12.85
N ASN A 173 -12.82 16.55 -13.85
CA ASN A 173 -11.63 15.72 -13.67
C ASN A 173 -10.49 16.51 -13.04
N ASP A 174 -10.43 16.52 -11.72
CA ASP A 174 -9.38 17.28 -11.05
C ASP A 174 -8.58 16.50 -10.00
N ARG A 175 -7.32 16.18 -10.34
CA ARG A 175 -6.43 15.43 -9.44
C ARG A 175 -6.26 15.99 -8.04
N ALA A 176 -5.58 17.13 -7.96
CA ALA A 176 -5.30 17.81 -6.70
C ALA A 176 -6.36 17.60 -5.64
N LEU A 177 -7.63 17.51 -6.05
CA LEU A 177 -8.68 17.35 -5.05
C LEU A 177 -8.76 15.94 -4.44
N ARG A 178 -7.94 15.03 -4.96
CA ARG A 178 -7.90 13.64 -4.50
C ARG A 178 -7.50 13.53 -3.03
N ASN A 179 -6.50 14.29 -2.65
CA ASN A 179 -6.01 14.25 -1.28
C ASN A 179 -5.72 15.63 -0.83
N ILE A 180 -6.60 16.12 0.03
CA ILE A 180 -6.47 17.46 0.55
C ILE A 180 -6.72 17.45 2.07
N VAL A 181 -6.33 18.51 2.75
CA VAL A 181 -6.63 18.58 4.17
C VAL A 181 -7.69 19.68 4.26
N ILE A 182 -8.67 19.46 5.13
CA ILE A 182 -9.81 20.34 5.34
C ILE A 182 -9.80 21.08 6.69
N GLY A 183 -10.82 21.91 6.92
CA GLY A 183 -10.97 22.64 8.17
C GLY A 183 -9.74 23.22 8.87
N LEU A 184 -9.11 24.17 8.20
CA LEU A 184 -7.91 24.82 8.72
C LEU A 184 -8.24 26.29 9.03
N GLY A 185 -7.35 26.98 9.75
CA GLY A 185 -7.61 28.39 10.05
C GLY A 185 -7.84 28.80 11.50
N GLY A 186 -8.08 27.84 12.39
CA GLY A 186 -8.29 28.17 13.79
C GLY A 186 -9.58 27.55 14.32
N LYS A 187 -9.80 27.64 15.64
CA LYS A 187 -10.99 27.03 16.21
C LYS A 187 -12.29 27.55 15.60
N ALA A 188 -12.20 28.55 14.72
CA ALA A 188 -13.41 29.08 14.11
C ALA A 188 -13.60 28.67 12.67
N ASN A 189 -13.01 27.55 12.25
CA ASN A 189 -13.18 27.11 10.86
C ASN A 189 -13.46 25.63 10.69
N GLY A 190 -13.74 24.93 11.78
CA GLY A 190 -14.01 23.51 11.69
C GLY A 190 -12.89 22.69 12.28
N VAL A 191 -12.96 21.39 12.10
CA VAL A 191 -11.93 20.51 12.64
C VAL A 191 -10.99 20.03 11.53
N PRO A 192 -9.67 20.21 11.72
CA PRO A 192 -8.65 19.79 10.74
C PRO A 192 -8.82 18.30 10.38
N ARG A 193 -8.64 17.92 9.11
CA ARG A 193 -8.80 16.51 8.73
C ARG A 193 -8.36 16.17 7.32
N GLU A 194 -8.38 14.87 7.00
CA GLU A 194 -7.95 14.42 5.67
C GLU A 194 -9.08 13.83 4.82
N THR A 195 -9.25 14.36 3.60
CA THR A 195 -10.29 13.90 2.68
C THR A 195 -9.89 14.29 1.26
N GLY A 196 -10.86 14.25 0.37
CA GLY A 196 -10.62 14.61 -1.02
C GLY A 196 -11.93 14.65 -1.77
N PHE A 197 -11.84 14.73 -3.10
CA PHE A 197 -13.02 14.79 -3.97
C PHE A 197 -13.06 13.63 -4.98
N ASP A 198 -14.24 13.10 -5.21
CA ASP A 198 -14.43 12.03 -6.20
C ASP A 198 -15.23 12.59 -7.35
N ILE A 199 -15.03 12.06 -8.55
CA ILE A 199 -15.80 12.60 -9.66
C ILE A 199 -17.25 12.27 -9.33
N SER A 200 -18.12 13.29 -9.41
CA SER A 200 -19.56 13.14 -9.11
C SER A 200 -20.19 11.79 -9.46
N VAL A 201 -20.15 11.41 -10.74
CA VAL A 201 -20.75 10.15 -11.18
C VAL A 201 -20.39 9.01 -10.27
N ALA A 202 -19.23 9.09 -9.62
CA ALA A 202 -18.82 8.01 -8.71
C ALA A 202 -19.36 8.16 -7.28
N SER A 203 -20.16 9.20 -7.02
CA SER A 203 -20.71 9.38 -5.67
C SER A 203 -21.74 8.32 -5.34
N GLU A 204 -21.66 7.77 -4.12
CA GLU A 204 -22.63 6.75 -3.75
C GLU A 204 -24.06 7.26 -3.97
N VAL A 205 -24.25 8.57 -3.82
CA VAL A 205 -25.57 9.16 -3.99
C VAL A 205 -26.12 8.85 -5.38
N MET A 206 -25.27 8.98 -6.40
CA MET A 206 -25.68 8.69 -7.77
C MET A 206 -26.04 7.20 -7.78
N ALA A 207 -25.16 6.39 -7.20
CA ALA A 207 -25.38 4.95 -7.12
C ALA A 207 -26.79 4.67 -6.58
N CYS A 208 -27.16 5.35 -5.49
CA CYS A 208 -28.48 5.15 -4.92
C CYS A 208 -29.59 5.55 -5.88
N LEU A 209 -29.45 6.71 -6.53
CA LEU A 209 -30.45 7.18 -7.48
C LEU A 209 -30.70 6.09 -8.53
N CYS A 210 -29.65 5.36 -8.89
CA CYS A 210 -29.75 4.31 -9.90
C CYS A 210 -30.32 3.00 -9.39
N LEU A 211 -30.57 2.92 -8.08
CA LEU A 211 -31.11 1.69 -7.50
C LEU A 211 -32.38 1.86 -6.68
N ALA A 212 -32.74 3.12 -6.40
CA ALA A 212 -33.96 3.47 -5.65
C ALA A 212 -35.27 3.18 -6.42
N SER A 213 -36.36 2.96 -5.68
CA SER A 213 -37.71 2.68 -6.28
C SER A 213 -38.43 3.97 -6.61
N ASP A 214 -38.18 4.96 -5.75
CA ASP A 214 -38.77 6.28 -5.85
C ASP A 214 -38.10 7.18 -4.80
N LEU A 215 -38.78 8.24 -4.35
CA LEU A 215 -38.16 9.13 -3.38
C LEU A 215 -38.10 8.60 -1.94
N MET A 216 -39.26 8.28 -1.35
CA MET A 216 -39.25 7.80 0.02
C MET A 216 -38.30 6.61 0.18
N ASP A 217 -38.10 5.86 -0.89
CA ASP A 217 -37.15 4.74 -0.83
C ASP A 217 -35.79 5.39 -0.82
N LEU A 218 -35.44 6.05 -1.92
CA LEU A 218 -34.14 6.71 -2.05
C LEU A 218 -33.76 7.42 -0.77
N LYS A 219 -34.76 7.89 -0.04
CA LYS A 219 -34.53 8.62 1.19
C LYS A 219 -34.02 7.71 2.29
N GLU A 220 -34.76 6.64 2.54
CA GLU A 220 -34.32 5.73 3.58
C GLU A 220 -32.88 5.33 3.34
N ARG A 221 -32.54 5.06 2.08
CA ARG A 221 -31.18 4.65 1.72
C ARG A 221 -30.19 5.67 2.28
N PHE A 222 -30.42 6.93 1.96
CA PHE A 222 -29.57 8.00 2.45
C PHE A 222 -29.30 7.87 3.94
N SER A 223 -30.35 7.61 4.71
CA SER A 223 -30.20 7.48 6.14
C SER A 223 -29.41 6.21 6.55
N ARG A 224 -28.87 5.50 5.56
CA ARG A 224 -28.12 4.27 5.83
C ARG A 224 -26.66 4.47 5.50
N ILE A 225 -26.39 5.53 4.75
CA ILE A 225 -25.03 5.86 4.36
C ILE A 225 -24.17 6.02 5.58
N VAL A 226 -23.02 5.35 5.55
CA VAL A 226 -22.03 5.39 6.63
C VAL A 226 -21.11 6.57 6.32
N VAL A 227 -20.84 7.41 7.30
CA VAL A 227 -20.00 8.56 7.08
C VAL A 227 -18.64 8.38 7.79
N GLY A 228 -18.64 7.58 8.85
CA GLY A 228 -17.43 7.34 9.61
C GLY A 228 -17.76 6.57 10.87
N TYR A 229 -16.80 6.50 11.80
CA TYR A 229 -17.06 5.78 13.03
C TYR A 229 -16.75 6.61 14.27
N THR A 230 -17.25 6.14 15.41
CA THR A 230 -17.02 6.83 16.67
C THR A 230 -15.62 6.47 17.12
N TYR A 231 -15.09 7.21 18.09
CA TYR A 231 -13.75 6.93 18.63
C TYR A 231 -13.84 5.55 19.28
N ASP A 232 -15.04 4.97 19.23
CA ASP A 232 -15.37 3.67 19.82
C ASP A 232 -15.47 2.52 18.82
N GLY A 233 -15.72 2.84 17.56
CA GLY A 233 -15.81 1.78 16.56
C GLY A 233 -17.17 1.65 15.91
N LYS A 234 -18.21 1.97 16.68
CA LYS A 234 -19.57 1.90 16.20
C LYS A 234 -19.74 2.80 14.97
N PRO A 235 -20.66 2.43 14.06
CA PRO A 235 -20.89 3.22 12.85
C PRO A 235 -21.79 4.42 13.10
N VAL A 236 -21.57 5.47 12.31
CA VAL A 236 -22.36 6.69 12.39
C VAL A 236 -22.79 6.90 10.96
N THR A 237 -24.10 7.00 10.76
CA THR A 237 -24.65 7.19 9.41
C THR A 237 -25.18 8.60 9.22
N ALA A 238 -25.59 8.91 7.99
CA ALA A 238 -26.17 10.21 7.69
C ALA A 238 -27.50 10.26 8.44
N GLY A 239 -28.04 9.07 8.72
CA GLY A 239 -29.28 8.98 9.44
C GLY A 239 -29.12 9.62 10.81
N ASP A 240 -27.99 9.35 11.48
CA ASP A 240 -27.73 9.91 12.81
C ASP A 240 -27.53 11.43 12.75
N LEU A 241 -27.15 11.93 11.60
CA LEU A 241 -26.98 13.37 11.43
C LEU A 241 -28.30 13.90 10.93
N GLU A 242 -29.34 13.07 10.96
CA GLU A 242 -30.66 13.47 10.50
C GLU A 242 -30.56 14.25 9.20
N ALA A 243 -30.05 13.64 8.14
CA ALA A 243 -29.92 14.39 6.89
C ALA A 243 -30.72 13.91 5.69
N GLN A 244 -31.33 12.73 5.80
CA GLN A 244 -32.07 12.18 4.68
C GLN A 244 -33.16 13.08 4.08
N GLY A 245 -33.90 13.83 4.91
CA GLY A 245 -34.91 14.72 4.38
C GLY A 245 -34.31 15.80 3.48
N SER A 246 -33.33 16.55 4.00
CA SER A 246 -32.66 17.59 3.22
C SER A 246 -32.13 17.02 1.89
N MET A 247 -31.23 16.04 1.99
CA MET A 247 -30.66 15.39 0.80
C MET A 247 -31.88 15.08 -0.05
N ALA A 248 -32.80 14.29 0.51
CA ALA A 248 -34.02 13.91 -0.20
C ALA A 248 -34.58 15.10 -0.95
N LEU A 249 -34.80 16.22 -0.27
CA LEU A 249 -35.33 17.40 -0.94
C LEU A 249 -34.49 17.87 -2.15
N LEU A 250 -33.18 17.66 -2.13
CA LEU A 250 -32.35 18.07 -3.25
C LEU A 250 -32.53 17.19 -4.50
N MET A 251 -32.85 15.93 -4.25
CA MET A 251 -33.04 14.96 -5.33
C MET A 251 -34.51 14.87 -5.76
N LYS A 252 -35.34 15.73 -5.16
CA LYS A 252 -36.76 15.77 -5.45
C LYS A 252 -37.07 15.82 -6.93
N ASP A 253 -36.26 16.55 -7.70
CA ASP A 253 -36.48 16.66 -9.14
C ASP A 253 -35.61 15.70 -9.94
N ALA A 254 -34.61 15.13 -9.28
CA ALA A 254 -33.73 14.20 -9.96
C ALA A 254 -34.28 12.77 -9.95
N ILE A 255 -35.34 12.55 -9.20
CA ILE A 255 -35.96 11.21 -9.10
C ILE A 255 -36.69 10.79 -10.39
N LYS A 256 -37.19 11.77 -11.14
CA LYS A 256 -37.91 11.49 -12.37
C LYS A 256 -36.95 11.23 -13.50
N PRO A 257 -37.26 10.25 -14.36
CA PRO A 257 -36.40 9.91 -15.49
C PRO A 257 -36.49 11.07 -16.48
N ASN A 258 -35.69 11.01 -17.53
CA ASN A 258 -35.73 12.07 -18.52
C ASN A 258 -36.04 11.50 -19.90
N LEU A 259 -36.98 12.12 -20.61
CA LEU A 259 -37.35 11.62 -21.93
C LEU A 259 -36.71 12.37 -23.11
N VAL A 260 -36.10 11.62 -24.02
CA VAL A 260 -35.48 12.18 -25.23
C VAL A 260 -35.40 11.10 -26.33
N GLN A 261 -35.37 11.51 -27.60
CA GLN A 261 -35.33 10.48 -28.63
C GLN A 261 -34.02 10.23 -29.36
N THR A 262 -34.12 9.30 -30.29
CA THR A 262 -33.02 8.87 -31.13
C THR A 262 -32.98 9.80 -32.34
N LEU A 263 -32.02 9.59 -33.23
CA LEU A 263 -31.95 10.41 -34.43
C LEU A 263 -33.20 10.07 -35.21
N GLU A 264 -33.63 8.81 -35.11
CA GLU A 264 -34.80 8.34 -35.83
C GLU A 264 -36.12 8.55 -35.10
N ASN A 265 -36.09 9.28 -33.98
CA ASN A 265 -37.29 9.59 -33.19
C ASN A 265 -37.72 8.62 -32.11
N THR A 266 -37.21 7.39 -32.13
CA THR A 266 -37.61 6.42 -31.13
C THR A 266 -37.41 7.08 -29.76
N PRO A 267 -38.40 6.94 -28.85
CA PRO A 267 -38.35 7.53 -27.50
C PRO A 267 -37.30 6.77 -26.67
N ALA A 268 -36.67 7.47 -25.72
CA ALA A 268 -35.64 6.86 -24.88
C ALA A 268 -35.46 7.59 -23.57
N PHE A 269 -35.09 6.86 -22.52
CA PHE A 269 -34.88 7.44 -21.19
C PHE A 269 -33.41 7.54 -20.85
N ILE A 270 -32.98 8.75 -20.48
CA ILE A 270 -31.59 8.98 -20.05
C ILE A 270 -31.69 9.39 -18.59
N HIS A 271 -31.35 8.46 -17.71
CA HIS A 271 -31.40 8.69 -16.26
C HIS A 271 -30.17 8.04 -15.63
N GLY A 272 -29.91 8.36 -14.37
CA GLY A 272 -28.77 7.79 -13.67
C GLY A 272 -27.49 7.76 -14.47
N GLY A 273 -26.60 6.84 -14.10
CA GLY A 273 -25.33 6.72 -14.77
C GLY A 273 -24.14 6.73 -13.82
N PRO A 274 -23.86 5.61 -13.10
CA PRO A 274 -22.75 5.47 -12.15
C PRO A 274 -21.52 4.70 -12.69
N PHE A 275 -20.46 4.67 -11.88
CA PHE A 275 -19.24 3.93 -12.24
C PHE A 275 -19.63 2.45 -12.36
N ALA A 276 -18.83 1.64 -13.05
CA ALA A 276 -19.18 0.22 -13.18
C ALA A 276 -18.14 -0.74 -12.57
N ASN A 277 -17.43 -0.26 -11.56
CA ASN A 277 -16.44 -1.09 -10.86
C ASN A 277 -16.69 -0.84 -9.40
N ILE A 278 -17.01 0.41 -9.09
CA ILE A 278 -17.32 0.86 -7.73
C ILE A 278 -18.83 0.89 -7.55
N ALA A 279 -19.55 0.65 -8.65
CA ALA A 279 -21.01 0.59 -8.65
C ALA A 279 -21.46 -0.29 -9.85
N HIS A 280 -22.76 -0.57 -9.96
CA HIS A 280 -23.27 -1.44 -11.02
C HIS A 280 -23.24 -0.98 -12.49
N GLY A 281 -22.71 0.22 -12.74
CA GLY A 281 -22.64 0.75 -14.10
C GLY A 281 -23.94 0.60 -14.90
N CYS A 282 -25.08 0.86 -14.26
CA CYS A 282 -26.39 0.76 -14.92
C CYS A 282 -27.19 2.05 -14.73
N ASN A 283 -28.17 2.32 -15.59
CA ASN A 283 -28.95 3.54 -15.38
C ASN A 283 -30.03 3.12 -14.40
N SER A 284 -30.73 4.09 -13.82
CA SER A 284 -31.73 3.80 -12.82
C SER A 284 -32.83 2.81 -13.22
N ILE A 285 -33.29 2.11 -12.17
CA ILE A 285 -34.37 1.12 -12.20
C ILE A 285 -35.72 1.81 -12.51
N ILE A 286 -35.88 3.04 -12.05
CA ILE A 286 -37.13 3.76 -12.28
C ILE A 286 -37.27 4.10 -13.78
N ALA A 287 -36.19 4.54 -14.41
CA ALA A 287 -36.24 4.84 -15.83
C ALA A 287 -36.63 3.55 -16.56
N THR A 288 -35.99 2.44 -16.19
CA THR A 288 -36.29 1.17 -16.85
C THR A 288 -37.70 0.69 -16.48
N LYS A 289 -37.97 0.53 -15.19
CA LYS A 289 -39.30 0.01 -14.78
C LYS A 289 -40.46 0.77 -15.39
N THR A 290 -40.27 2.07 -15.59
CA THR A 290 -41.29 2.89 -16.22
C THR A 290 -41.23 2.60 -17.72
N ALA A 291 -40.04 2.25 -18.20
CA ALA A 291 -39.88 1.93 -19.60
C ALA A 291 -40.57 0.59 -19.94
N LEU A 292 -40.65 -0.31 -18.97
CA LEU A 292 -41.25 -1.64 -19.19
C LEU A 292 -42.77 -1.68 -19.33
N LYS A 293 -43.45 -0.66 -18.80
CA LYS A 293 -44.90 -0.58 -18.94
C LYS A 293 -45.22 0.20 -20.22
N LEU A 294 -44.52 1.31 -20.44
CA LEU A 294 -44.72 2.14 -21.62
C LEU A 294 -44.18 1.51 -22.92
N ALA A 295 -43.55 0.34 -22.80
CA ALA A 295 -42.98 -0.33 -23.97
C ALA A 295 -43.20 -1.85 -24.00
N ASP A 296 -43.21 -2.41 -25.21
CA ASP A 296 -43.36 -3.86 -25.39
C ASP A 296 -41.97 -4.46 -25.53
N TYR A 297 -41.01 -3.57 -25.74
CA TYR A 297 -39.61 -3.95 -25.86
C TYR A 297 -38.77 -2.88 -25.16
N VAL A 298 -37.75 -3.29 -24.42
CA VAL A 298 -36.90 -2.34 -23.71
C VAL A 298 -35.43 -2.69 -23.84
N VAL A 299 -34.69 -1.87 -24.59
CA VAL A 299 -33.26 -2.09 -24.74
C VAL A 299 -32.61 -1.21 -23.66
N THR A 300 -31.60 -1.73 -22.97
CA THR A 300 -30.87 -0.97 -21.95
C THR A 300 -29.46 -1.54 -21.97
N GLU A 301 -28.49 -0.81 -21.45
CA GLU A 301 -27.12 -1.31 -21.51
C GLU A 301 -26.41 -1.14 -20.18
N ALA A 302 -25.27 -1.82 -20.02
CA ALA A 302 -24.46 -1.75 -18.79
C ALA A 302 -22.96 -1.47 -19.07
N GLY A 303 -22.37 -0.61 -18.24
CA GLY A 303 -20.96 -0.27 -18.39
C GLY A 303 -20.00 -1.45 -18.29
N PHE A 304 -18.85 -1.31 -18.96
CA PHE A 304 -17.78 -2.32 -19.03
C PHE A 304 -18.19 -3.61 -19.75
N GLY A 305 -17.23 -4.53 -19.94
CA GLY A 305 -17.53 -5.79 -20.60
C GLY A 305 -18.59 -6.53 -19.79
N ALA A 306 -18.97 -7.73 -20.23
CA ALA A 306 -20.01 -8.49 -19.53
C ALA A 306 -19.62 -9.16 -18.21
N ASP A 307 -18.32 -9.13 -17.86
CA ASP A 307 -17.87 -9.75 -16.60
C ASP A 307 -18.11 -8.78 -15.44
N LEU A 308 -18.58 -7.59 -15.78
CA LEU A 308 -18.88 -6.57 -14.78
C LEU A 308 -20.31 -6.00 -14.96
N GLY A 309 -20.48 -5.06 -15.88
CA GLY A 309 -21.78 -4.46 -16.08
C GLY A 309 -22.86 -5.51 -16.06
N ALA A 310 -22.77 -6.42 -17.02
CA ALA A 310 -23.71 -7.51 -17.13
C ALA A 310 -23.90 -8.15 -15.76
N GLU A 311 -22.81 -8.66 -15.18
CA GLU A 311 -22.84 -9.30 -13.85
C GLU A 311 -23.66 -8.51 -12.82
N LYS A 312 -23.30 -7.26 -12.61
CA LYS A 312 -23.99 -6.40 -11.64
C LYS A 312 -25.44 -6.02 -12.05
N PHE A 313 -25.66 -5.95 -13.36
CA PHE A 313 -26.98 -5.65 -13.93
C PHE A 313 -27.90 -6.81 -13.47
N TYR A 314 -27.35 -8.01 -13.57
CA TYR A 314 -28.05 -9.23 -13.19
C TYR A 314 -28.13 -9.42 -11.67
N ASP A 315 -27.03 -9.15 -10.98
CA ASP A 315 -26.94 -9.35 -9.53
C ASP A 315 -27.34 -8.21 -8.60
N VAL A 316 -27.37 -6.98 -9.11
CA VAL A 316 -27.76 -5.88 -8.26
C VAL A 316 -29.04 -5.24 -8.75
N LYS A 317 -29.02 -4.66 -9.94
CA LYS A 317 -30.23 -4.05 -10.49
C LYS A 317 -31.39 -5.05 -10.48
N CYS A 318 -31.47 -5.87 -11.52
CA CYS A 318 -32.53 -6.88 -11.64
C CYS A 318 -32.92 -7.53 -10.31
N ARG A 319 -31.93 -7.83 -9.47
CA ARG A 319 -32.21 -8.44 -8.19
C ARG A 319 -33.17 -7.56 -7.37
N TYR A 320 -32.83 -6.28 -7.23
CA TYR A 320 -33.65 -5.33 -6.48
C TYR A 320 -34.96 -5.04 -7.19
N ALA A 321 -34.88 -4.78 -8.50
CA ALA A 321 -36.04 -4.43 -9.31
C ALA A 321 -36.99 -5.56 -9.66
N GLY A 322 -36.55 -6.80 -9.43
CA GLY A 322 -37.40 -7.92 -9.78
C GLY A 322 -37.50 -8.10 -11.29
N PHE A 323 -36.64 -7.39 -12.03
CA PHE A 323 -36.62 -7.51 -13.47
C PHE A 323 -36.30 -8.97 -13.83
N LYS A 324 -36.55 -9.35 -15.08
CA LYS A 324 -36.25 -10.70 -15.54
C LYS A 324 -35.85 -10.72 -17.00
N PRO A 325 -34.62 -10.28 -17.31
CA PRO A 325 -34.10 -10.23 -18.68
C PRO A 325 -34.62 -11.38 -19.53
N ASP A 326 -35.00 -11.06 -20.77
CA ASP A 326 -35.53 -12.06 -21.70
C ASP A 326 -34.49 -12.49 -22.71
N ALA A 327 -33.60 -11.57 -23.01
CA ALA A 327 -32.54 -11.86 -23.95
C ALA A 327 -31.39 -10.96 -23.54
N THR A 328 -30.30 -11.04 -24.29
CA THR A 328 -29.18 -10.20 -23.99
C THR A 328 -28.22 -10.23 -25.16
N VAL A 329 -28.07 -9.06 -25.78
CA VAL A 329 -27.17 -8.92 -26.90
C VAL A 329 -25.80 -8.58 -26.33
N ILE A 330 -24.76 -9.12 -26.96
CA ILE A 330 -23.41 -8.85 -26.53
C ILE A 330 -22.66 -8.38 -27.79
N VAL A 331 -21.93 -7.27 -27.64
CA VAL A 331 -21.21 -6.63 -28.75
C VAL A 331 -19.74 -6.99 -28.82
N ALA A 332 -19.26 -7.18 -30.04
CA ALA A 332 -17.85 -7.50 -30.29
C ALA A 332 -17.45 -7.09 -31.70
N THR A 333 -16.25 -6.54 -31.84
CA THR A 333 -15.79 -6.15 -33.17
C THR A 333 -14.71 -7.15 -33.54
N VAL A 334 -14.27 -7.14 -34.80
CA VAL A 334 -13.24 -8.09 -35.21
C VAL A 334 -11.89 -7.61 -34.66
N ARG A 335 -11.59 -6.34 -34.87
CA ARG A 335 -10.34 -5.75 -34.41
C ARG A 335 -10.08 -5.92 -32.90
N ALA A 336 -11.09 -5.70 -32.08
CA ALA A 336 -10.90 -5.83 -30.64
C ALA A 336 -10.61 -7.30 -30.36
N LEU A 337 -11.27 -8.17 -31.09
CA LEU A 337 -11.08 -9.60 -30.90
C LEU A 337 -9.64 -9.94 -31.24
N LYS A 338 -9.22 -9.60 -32.45
CA LYS A 338 -7.84 -9.90 -32.81
C LYS A 338 -6.93 -9.32 -31.74
N MET A 339 -7.29 -8.16 -31.22
CA MET A 339 -6.46 -7.54 -30.18
C MET A 339 -6.35 -8.57 -29.05
N HIS A 340 -7.48 -9.18 -28.71
CA HIS A 340 -7.51 -10.18 -27.65
C HIS A 340 -6.75 -11.43 -28.06
N GLY A 341 -6.48 -11.54 -29.35
CA GLY A 341 -5.73 -12.69 -29.84
C GLY A 341 -4.22 -12.41 -29.89
N GLY A 342 -3.82 -11.24 -29.40
CA GLY A 342 -2.40 -10.91 -29.38
C GLY A 342 -1.94 -9.81 -30.32
N VAL A 343 -2.69 -9.57 -31.40
CA VAL A 343 -2.34 -8.55 -32.38
C VAL A 343 -2.24 -7.14 -31.81
N PRO A 344 -1.17 -6.41 -32.17
CA PRO A 344 -0.95 -5.04 -31.69
C PRO A 344 -2.09 -4.11 -32.11
N LYS A 345 -1.94 -2.82 -31.86
CA LYS A 345 -2.99 -1.88 -32.26
C LYS A 345 -2.75 -1.49 -33.71
N SER A 346 -1.48 -1.25 -34.02
CA SER A 346 -1.03 -0.82 -35.33
C SER A 346 -1.29 -1.77 -36.51
N ASP A 347 -0.97 -3.05 -36.34
CA ASP A 347 -1.13 -4.00 -37.42
C ASP A 347 -2.51 -4.65 -37.45
N LEU A 348 -3.45 -4.08 -36.69
CA LEU A 348 -4.84 -4.60 -36.61
C LEU A 348 -5.57 -4.74 -37.95
N ALA A 349 -5.40 -3.75 -38.83
CA ALA A 349 -6.04 -3.74 -40.15
C ALA A 349 -5.71 -4.97 -40.97
N THR A 350 -4.55 -5.59 -40.71
CA THR A 350 -4.11 -6.78 -41.44
C THR A 350 -4.89 -8.02 -41.04
N GLU A 351 -5.24 -8.86 -42.03
CA GLU A 351 -6.00 -10.07 -41.76
C GLU A 351 -5.22 -11.02 -40.85
N ASN A 352 -5.91 -11.96 -40.21
CA ASN A 352 -5.25 -12.90 -39.33
C ASN A 352 -6.27 -13.76 -38.57
N LEU A 353 -6.93 -14.65 -39.29
CA LEU A 353 -7.91 -15.53 -38.72
C LEU A 353 -7.40 -16.21 -37.43
N GLU A 354 -6.08 -16.37 -37.35
CA GLU A 354 -5.45 -17.02 -36.20
C GLU A 354 -5.52 -16.15 -34.95
N ALA A 355 -5.09 -14.90 -35.03
CA ALA A 355 -5.17 -14.03 -33.86
C ALA A 355 -6.66 -13.85 -33.55
N LEU A 356 -7.49 -13.94 -34.59
CA LEU A 356 -8.93 -13.80 -34.43
C LEU A 356 -9.53 -15.04 -33.75
N ARG A 357 -9.00 -16.22 -34.07
CA ARG A 357 -9.54 -17.43 -33.48
C ARG A 357 -9.25 -17.51 -31.97
N GLU A 358 -8.03 -17.16 -31.57
CA GLU A 358 -7.69 -17.21 -30.17
C GLU A 358 -8.33 -16.05 -29.41
N GLY A 359 -8.70 -14.98 -30.13
CA GLY A 359 -9.34 -13.87 -29.44
C GLY A 359 -10.76 -14.30 -29.10
N PHE A 360 -11.38 -15.05 -30.01
CA PHE A 360 -12.74 -15.51 -29.82
C PHE A 360 -12.94 -16.07 -28.43
N ALA A 361 -11.89 -16.66 -27.87
CA ALA A 361 -11.97 -17.24 -26.53
C ALA A 361 -12.59 -16.20 -25.60
N ASN A 362 -12.33 -14.94 -25.89
CA ASN A 362 -12.88 -13.87 -25.06
C ASN A 362 -14.41 -13.86 -25.14
N LEU A 363 -14.92 -13.55 -26.35
CA LEU A 363 -16.37 -13.53 -26.58
C LEU A 363 -16.96 -14.87 -26.17
N GLU A 364 -16.29 -15.96 -26.55
CA GLU A 364 -16.74 -17.31 -26.22
C GLU A 364 -16.86 -17.55 -24.71
N LYS A 365 -16.21 -16.71 -23.91
CA LYS A 365 -16.30 -16.87 -22.45
C LYS A 365 -17.52 -16.09 -21.97
N HIS A 366 -17.67 -14.87 -22.48
CA HIS A 366 -18.82 -14.04 -22.13
C HIS A 366 -20.12 -14.79 -22.52
N ILE A 367 -20.11 -15.40 -23.71
CA ILE A 367 -21.27 -16.15 -24.15
C ILE A 367 -21.59 -17.07 -22.98
N GLU A 368 -20.64 -17.98 -22.69
CA GLU A 368 -20.79 -18.96 -21.62
C GLU A 368 -21.31 -18.34 -20.32
N ASN A 369 -20.73 -17.20 -19.91
CA ASN A 369 -21.15 -16.54 -18.66
C ASN A 369 -22.61 -16.10 -18.73
N ILE A 370 -22.93 -15.32 -19.75
CA ILE A 370 -24.28 -14.84 -19.95
C ILE A 370 -25.25 -16.03 -19.85
N GLY A 371 -24.76 -17.22 -20.19
CA GLY A 371 -25.57 -18.43 -20.12
C GLY A 371 -25.72 -18.84 -18.67
N LYS A 372 -24.71 -18.55 -17.85
CA LYS A 372 -24.76 -18.87 -16.43
C LYS A 372 -25.85 -18.10 -15.68
N PHE A 373 -26.70 -17.38 -16.42
CA PHE A 373 -27.80 -16.63 -15.79
C PHE A 373 -29.15 -17.11 -16.30
N GLY A 374 -29.12 -17.89 -17.36
CA GLY A 374 -30.35 -18.43 -17.92
C GLY A 374 -30.99 -17.58 -19.00
N VAL A 375 -30.29 -16.55 -19.46
CA VAL A 375 -30.83 -15.68 -20.49
C VAL A 375 -30.16 -15.96 -21.84
N PRO A 376 -30.94 -16.02 -22.93
CA PRO A 376 -30.35 -16.30 -24.26
C PRO A 376 -29.51 -15.13 -24.78
N ALA A 377 -28.35 -15.45 -25.33
CA ALA A 377 -27.45 -14.44 -25.83
C ALA A 377 -27.38 -14.34 -27.36
N VAL A 378 -27.17 -13.11 -27.85
CA VAL A 378 -27.04 -12.87 -29.28
C VAL A 378 -25.87 -11.93 -29.46
N VAL A 379 -24.85 -12.37 -30.20
CA VAL A 379 -23.68 -11.54 -30.45
C VAL A 379 -23.95 -10.61 -31.60
N ALA A 380 -23.37 -9.42 -31.55
CA ALA A 380 -23.53 -8.45 -32.61
C ALA A 380 -22.12 -7.99 -32.98
N ILE A 381 -21.76 -8.15 -34.24
CA ILE A 381 -20.43 -7.78 -34.68
C ILE A 381 -20.41 -6.37 -35.24
N ASN A 382 -20.08 -5.39 -34.39
CA ASN A 382 -20.03 -4.01 -34.83
C ASN A 382 -19.13 -3.92 -36.05
N ALA A 383 -19.75 -3.66 -37.21
CA ALA A 383 -19.06 -3.57 -38.51
C ALA A 383 -17.97 -2.50 -38.62
N PHE A 384 -16.91 -2.83 -39.34
CA PHE A 384 -15.77 -1.94 -39.53
C PHE A 384 -15.11 -2.13 -40.89
N PRO A 385 -14.80 -1.03 -41.60
CA PRO A 385 -14.19 -1.08 -42.94
C PRO A 385 -13.11 -2.13 -43.21
N THR A 386 -12.10 -2.24 -42.33
CA THR A 386 -11.04 -3.22 -42.57
C THR A 386 -11.43 -4.70 -42.44
N ASP A 387 -12.35 -5.02 -41.52
CA ASP A 387 -12.79 -6.42 -41.36
C ASP A 387 -13.07 -7.10 -42.71
N THR A 388 -12.42 -8.24 -42.99
CA THR A 388 -12.62 -8.95 -44.25
C THR A 388 -13.70 -10.00 -44.07
N GLU A 389 -14.16 -10.55 -45.19
CA GLU A 389 -15.20 -11.60 -45.13
C GLU A 389 -14.51 -12.83 -44.50
N ALA A 390 -13.30 -13.12 -44.95
CA ALA A 390 -12.50 -14.24 -44.45
C ALA A 390 -12.41 -14.18 -42.93
N GLU A 391 -12.66 -13.00 -42.38
CA GLU A 391 -12.63 -12.77 -40.93
C GLU A 391 -14.04 -12.82 -40.36
N LEU A 392 -14.92 -11.91 -40.79
CA LEU A 392 -16.30 -11.92 -40.29
C LEU A 392 -16.85 -13.35 -40.40
N ASN A 393 -16.88 -13.88 -41.63
CA ASN A 393 -17.38 -15.23 -41.87
C ASN A 393 -16.89 -16.24 -40.86
N LEU A 394 -15.65 -16.07 -40.38
CA LEU A 394 -15.11 -16.99 -39.39
C LEU A 394 -15.81 -16.69 -38.05
N LEU A 395 -15.77 -15.43 -37.64
CA LEU A 395 -16.39 -15.00 -36.41
C LEU A 395 -17.80 -15.56 -36.28
N TYR A 396 -18.54 -15.59 -37.38
CA TYR A 396 -19.91 -16.09 -37.40
C TYR A 396 -20.00 -17.57 -37.04
N GLU A 397 -19.38 -18.43 -37.84
CA GLU A 397 -19.41 -19.87 -37.56
C GLU A 397 -18.73 -20.15 -36.25
N LEU A 398 -17.78 -19.30 -35.89
CA LEU A 398 -17.05 -19.46 -34.64
C LEU A 398 -18.05 -19.37 -33.50
N CYS A 399 -19.13 -18.62 -33.72
CA CYS A 399 -20.16 -18.46 -32.71
C CYS A 399 -21.03 -19.71 -32.57
N ALA A 400 -20.41 -20.89 -32.72
CA ALA A 400 -21.12 -22.17 -32.59
C ALA A 400 -21.61 -22.22 -31.16
N LYS A 401 -22.72 -21.53 -30.90
CA LYS A 401 -23.31 -21.44 -29.57
C LYS A 401 -24.52 -20.47 -29.56
N ALA A 402 -24.34 -19.25 -30.06
CA ALA A 402 -25.42 -18.25 -30.07
C ALA A 402 -25.64 -17.55 -31.40
N GLY A 403 -26.87 -17.12 -31.66
CA GLY A 403 -27.18 -16.43 -32.91
C GLY A 403 -26.27 -15.24 -33.18
N ALA A 404 -25.58 -15.23 -34.31
CA ALA A 404 -24.69 -14.12 -34.67
C ALA A 404 -25.35 -13.19 -35.69
N GLU A 405 -24.79 -11.99 -35.84
CA GLU A 405 -25.27 -11.00 -36.83
C GLU A 405 -24.52 -9.68 -36.78
N VAL A 406 -24.09 -9.21 -37.96
CA VAL A 406 -23.33 -7.98 -38.06
C VAL A 406 -24.28 -6.80 -38.02
N ALA A 407 -23.86 -5.73 -37.38
CA ALA A 407 -24.68 -4.53 -37.30
C ALA A 407 -23.95 -3.43 -38.05
N LEU A 408 -24.65 -2.74 -38.94
CA LEU A 408 -24.10 -1.63 -39.72
C LEU A 408 -24.87 -0.40 -39.21
N SER A 409 -25.31 -0.45 -37.95
CA SER A 409 -26.09 0.66 -37.39
C SER A 409 -25.36 1.98 -37.33
N TRP A 410 -24.07 1.92 -37.09
CA TRP A 410 -23.28 3.15 -37.01
C TRP A 410 -23.46 3.98 -38.27
N ALA A 411 -23.35 3.29 -39.41
CA ALA A 411 -23.43 3.92 -40.71
C ALA A 411 -24.82 4.08 -41.28
N LYS A 412 -25.57 2.99 -41.29
CA LYS A 412 -26.92 2.95 -41.86
C LYS A 412 -28.06 3.20 -40.87
N GLY A 413 -27.74 3.69 -39.68
CA GLY A 413 -28.77 3.93 -38.69
C GLY A 413 -29.60 2.68 -38.47
N GLY A 414 -30.89 2.86 -38.17
CA GLY A 414 -31.76 1.73 -37.93
C GLY A 414 -31.61 0.59 -38.92
N GLU A 415 -31.61 0.90 -40.22
CA GLU A 415 -31.50 -0.08 -41.28
C GLU A 415 -30.39 -1.11 -41.04
N GLY A 416 -29.15 -0.64 -40.87
CA GLY A 416 -28.05 -1.57 -40.64
C GLY A 416 -28.22 -2.42 -39.39
N GLY A 417 -29.26 -2.14 -38.62
CA GLY A 417 -29.52 -2.92 -37.41
C GLY A 417 -30.69 -3.88 -37.54
N LEU A 418 -31.21 -3.97 -38.76
CA LEU A 418 -32.35 -4.84 -39.01
C LEU A 418 -32.14 -6.31 -38.70
N GLU A 419 -31.02 -6.87 -39.14
CA GLU A 419 -30.77 -8.28 -38.90
C GLU A 419 -30.87 -8.61 -37.40
N LEU A 420 -30.00 -7.97 -36.60
CA LEU A 420 -29.97 -8.18 -35.16
C LEU A 420 -31.39 -8.19 -34.57
N ALA A 421 -32.16 -7.15 -34.82
CA ALA A 421 -33.52 -7.12 -34.31
C ALA A 421 -34.20 -8.47 -34.67
N ARG A 422 -34.13 -8.86 -35.95
CA ARG A 422 -34.74 -10.11 -36.39
C ARG A 422 -34.25 -11.36 -35.64
N LYS A 423 -33.05 -11.29 -35.08
CA LYS A 423 -32.52 -12.42 -34.31
C LYS A 423 -33.03 -12.29 -32.87
N VAL A 424 -32.86 -11.10 -32.31
CA VAL A 424 -33.29 -10.81 -30.96
C VAL A 424 -34.76 -11.20 -30.86
N LEU A 425 -35.53 -10.73 -31.85
CA LEU A 425 -36.96 -11.00 -31.95
C LEU A 425 -37.14 -12.48 -32.05
N GLN A 426 -36.40 -13.07 -32.99
CA GLN A 426 -36.46 -14.51 -33.25
C GLN A 426 -36.23 -15.30 -31.96
N THR A 427 -35.20 -14.90 -31.20
CA THR A 427 -34.87 -15.62 -29.97
C THR A 427 -35.77 -15.18 -28.84
N LEU A 428 -36.46 -14.07 -29.05
CA LEU A 428 -37.35 -13.56 -28.02
C LEU A 428 -38.64 -14.35 -28.05
N GLU A 429 -38.74 -15.29 -28.99
CA GLU A 429 -39.93 -16.10 -29.13
C GLU A 429 -39.72 -17.59 -28.86
N SER A 430 -38.73 -18.17 -29.52
CA SER A 430 -38.41 -19.59 -29.36
C SER A 430 -37.62 -19.97 -28.10
N ARG A 431 -36.90 -19.00 -27.52
CA ARG A 431 -36.11 -19.26 -26.32
C ARG A 431 -36.48 -18.29 -25.20
N PRO A 432 -37.46 -18.66 -24.36
CA PRO A 432 -37.88 -17.80 -23.25
C PRO A 432 -36.79 -17.84 -22.21
N SER A 433 -36.55 -16.71 -21.56
CA SER A 433 -35.47 -16.62 -20.57
C SER A 433 -35.80 -17.14 -19.19
N ASN A 434 -34.83 -17.88 -18.63
CA ASN A 434 -34.93 -18.42 -17.28
C ASN A 434 -33.83 -17.71 -16.44
N PHE A 435 -34.08 -16.43 -16.13
CA PHE A 435 -33.15 -15.57 -15.36
C PHE A 435 -33.03 -15.94 -13.88
N HIS A 436 -31.86 -15.67 -13.30
CA HIS A 436 -31.58 -15.96 -11.88
C HIS A 436 -30.18 -15.50 -11.42
N VAL A 437 -30.14 -14.71 -10.33
CA VAL A 437 -28.88 -14.20 -9.79
C VAL A 437 -27.79 -15.27 -9.77
N LEU A 438 -26.55 -14.85 -9.97
CA LEU A 438 -25.46 -15.80 -9.99
C LEU A 438 -25.24 -16.40 -8.60
N TYR A 439 -25.48 -15.61 -7.56
CA TYR A 439 -25.28 -16.03 -6.19
C TYR A 439 -26.46 -15.68 -5.26
N ASN A 440 -26.29 -16.00 -3.98
CA ASN A 440 -27.31 -15.78 -2.95
C ASN A 440 -26.80 -14.76 -1.91
N LEU A 441 -27.70 -13.96 -1.35
CA LEU A 441 -27.34 -12.95 -0.35
C LEU A 441 -26.99 -13.51 1.04
N ASP A 442 -27.44 -14.74 1.30
CA ASP A 442 -27.20 -15.44 2.55
C ASP A 442 -26.00 -16.36 2.46
N LEU A 443 -24.97 -15.90 1.76
CA LEU A 443 -23.74 -16.65 1.58
C LEU A 443 -22.65 -15.80 2.20
N SER A 444 -21.50 -16.43 2.46
CA SER A 444 -20.36 -15.73 3.02
C SER A 444 -19.97 -14.63 2.03
N ILE A 445 -19.28 -13.58 2.51
CA ILE A 445 -18.86 -12.50 1.62
C ILE A 445 -17.76 -13.00 0.69
N LYS A 446 -16.79 -13.71 1.26
CA LYS A 446 -15.68 -14.26 0.47
C LYS A 446 -16.24 -15.36 -0.42
N ASP A 447 -17.39 -15.90 -0.01
CA ASP A 447 -18.05 -16.94 -0.77
C ASP A 447 -18.62 -16.30 -2.05
N LYS A 448 -19.35 -15.20 -1.86
CA LYS A 448 -19.95 -14.48 -2.98
C LYS A 448 -18.87 -14.13 -3.99
N ILE A 449 -17.79 -13.52 -3.50
CA ILE A 449 -16.66 -13.11 -4.33
C ILE A 449 -16.04 -14.25 -5.18
N ALA A 450 -15.93 -15.44 -4.60
CA ALA A 450 -15.37 -16.60 -5.29
C ALA A 450 -16.32 -17.02 -6.39
N LYS A 451 -17.60 -17.17 -6.07
CA LYS A 451 -18.58 -17.56 -7.08
C LYS A 451 -18.38 -16.77 -8.37
N ILE A 452 -18.24 -15.46 -8.20
CA ILE A 452 -18.02 -14.53 -9.30
C ILE A 452 -16.64 -14.75 -9.95
N ALA A 453 -15.57 -14.61 -9.16
CA ALA A 453 -14.20 -14.77 -9.66
C ALA A 453 -13.99 -16.15 -10.25
N THR A 454 -14.75 -17.11 -9.74
CA THR A 454 -14.67 -18.49 -10.19
C THR A 454 -15.57 -18.86 -11.38
N GLU A 455 -16.79 -18.36 -11.41
CA GLU A 455 -17.71 -18.66 -12.53
C GLU A 455 -17.66 -17.62 -13.66
N ILE A 456 -17.26 -16.39 -13.33
CA ILE A 456 -17.21 -15.33 -14.33
C ILE A 456 -15.80 -14.96 -14.80
N TYR A 457 -14.91 -14.60 -13.89
CA TYR A 457 -13.55 -14.24 -14.29
C TYR A 457 -12.74 -15.49 -14.67
N GLY A 458 -13.32 -16.66 -14.41
CA GLY A 458 -12.63 -17.89 -14.75
C GLY A 458 -11.36 -18.02 -13.93
N ALA A 459 -11.31 -17.29 -12.82
CA ALA A 459 -10.16 -17.27 -11.92
C ALA A 459 -10.13 -18.54 -11.08
N ASP A 460 -8.92 -19.00 -10.77
CA ASP A 460 -8.77 -20.18 -9.93
C ASP A 460 -9.38 -19.85 -8.54
N GLY A 461 -8.78 -18.89 -7.85
CA GLY A 461 -9.29 -18.50 -6.53
C GLY A 461 -9.04 -17.04 -6.17
N VAL A 462 -9.28 -16.70 -4.91
CA VAL A 462 -9.10 -15.34 -4.42
C VAL A 462 -8.14 -15.20 -3.24
N ASN A 463 -7.27 -14.21 -3.35
CA ASN A 463 -6.27 -13.90 -2.34
C ASN A 463 -6.67 -12.58 -1.72
N TYR A 464 -6.52 -12.48 -0.40
CA TYR A 464 -6.86 -11.25 0.27
C TYR A 464 -5.73 -10.80 1.20
N THR A 465 -5.64 -9.49 1.37
CA THR A 465 -4.66 -8.83 2.24
C THR A 465 -5.21 -8.67 3.66
N ALA A 466 -4.32 -8.39 4.60
CA ALA A 466 -4.70 -8.21 5.99
C ALA A 466 -5.78 -7.15 6.15
N GLU A 467 -5.67 -6.05 5.41
CA GLU A 467 -6.68 -4.97 5.46
C GLU A 467 -7.97 -5.57 4.97
N ALA A 468 -7.88 -6.20 3.81
CA ALA A 468 -9.01 -6.82 3.17
C ALA A 468 -9.77 -7.72 4.16
N ASP A 469 -9.04 -8.44 4.99
CA ASP A 469 -9.69 -9.31 5.95
C ASP A 469 -10.38 -8.54 7.06
N LYS A 470 -9.61 -7.83 7.90
CA LYS A 470 -10.20 -7.03 8.99
C LYS A 470 -11.43 -6.31 8.44
N ALA A 471 -11.27 -5.67 7.29
CA ALA A 471 -12.38 -4.95 6.68
C ALA A 471 -13.58 -5.88 6.57
N ILE A 472 -13.45 -6.94 5.79
CA ILE A 472 -14.55 -7.87 5.63
C ILE A 472 -15.06 -8.30 7.00
N GLN A 473 -14.17 -8.90 7.78
CA GLN A 473 -14.54 -9.33 9.11
C GLN A 473 -15.36 -8.24 9.83
N ARG A 474 -14.99 -6.97 9.70
CA ARG A 474 -15.75 -5.93 10.36
C ARG A 474 -17.19 -5.94 9.88
N TYR A 475 -17.36 -5.63 8.60
CA TYR A 475 -18.68 -5.59 7.99
C TYR A 475 -19.62 -6.76 8.36
N GLU A 476 -19.14 -7.99 8.20
CA GLU A 476 -19.97 -9.14 8.51
C GLU A 476 -20.50 -9.07 9.93
N SER A 477 -19.63 -8.76 10.89
CA SER A 477 -20.05 -8.68 12.28
C SER A 477 -20.80 -7.37 12.50
N LEU A 478 -20.54 -6.40 11.64
CA LEU A 478 -21.18 -5.11 11.73
C LEU A 478 -22.52 -5.24 11.01
N GLY A 479 -22.81 -6.48 10.58
CA GLY A 479 -24.07 -6.79 9.92
C GLY A 479 -24.28 -6.55 8.42
N TYR A 480 -23.22 -6.41 7.63
CA TYR A 480 -23.39 -6.20 6.19
C TYR A 480 -22.91 -7.35 5.33
N GLY A 481 -22.73 -8.52 5.95
CA GLY A 481 -22.26 -9.69 5.23
C GLY A 481 -23.25 -10.22 4.21
N ASN A 482 -24.54 -10.17 4.55
CA ASN A 482 -25.60 -10.65 3.65
C ASN A 482 -26.00 -9.67 2.54
N LEU A 483 -25.13 -8.70 2.24
CA LEU A 483 -25.41 -7.73 1.19
C LEU A 483 -24.85 -8.20 -0.16
N PRO A 484 -25.29 -7.59 -1.27
CA PRO A 484 -24.80 -7.98 -2.60
C PRO A 484 -23.35 -7.52 -2.77
N VAL A 485 -22.59 -8.17 -3.63
CA VAL A 485 -21.19 -7.77 -3.83
C VAL A 485 -20.98 -7.09 -5.20
N VAL A 486 -20.08 -6.10 -5.22
CA VAL A 486 -19.78 -5.32 -6.40
C VAL A 486 -18.27 -5.21 -6.65
N MET A 487 -17.76 -6.12 -7.47
CA MET A 487 -16.33 -6.14 -7.75
C MET A 487 -15.85 -4.88 -8.45
N ALA A 488 -14.71 -4.40 -8.01
CA ALA A 488 -14.11 -3.21 -8.58
C ALA A 488 -12.76 -3.60 -9.13
N LYS A 489 -12.75 -4.26 -10.28
CA LYS A 489 -11.49 -4.66 -10.89
C LYS A 489 -11.20 -3.87 -12.16
N THR A 490 -10.08 -4.21 -12.78
CA THR A 490 -9.70 -3.59 -14.04
C THR A 490 -10.67 -4.27 -15.01
N GLN A 491 -11.24 -3.49 -15.91
CA GLN A 491 -12.19 -4.00 -16.88
C GLN A 491 -11.53 -4.48 -18.15
N TYR A 492 -10.25 -4.18 -18.33
CA TYR A 492 -9.57 -4.58 -19.57
C TYR A 492 -9.07 -6.00 -19.55
N SER A 493 -9.54 -6.77 -18.58
CA SER A 493 -9.13 -8.18 -18.44
C SER A 493 -10.10 -8.97 -17.55
N PHE A 494 -10.09 -10.29 -17.71
CA PHE A 494 -10.96 -11.13 -16.89
C PHE A 494 -10.24 -11.27 -15.54
N SER A 495 -9.00 -10.83 -15.49
CA SER A 495 -8.21 -10.91 -14.28
C SER A 495 -7.87 -9.52 -13.85
N ASP A 496 -7.55 -9.35 -12.58
CA ASP A 496 -7.18 -8.05 -12.06
C ASP A 496 -5.86 -7.55 -12.67
N ASP A 497 -5.43 -8.15 -13.78
CA ASP A 497 -4.20 -7.74 -14.47
C ASP A 497 -4.58 -7.15 -15.84
N MET A 498 -4.60 -5.81 -15.93
CA MET A 498 -4.98 -5.12 -17.17
C MET A 498 -4.21 -5.53 -18.45
N THR A 499 -3.11 -6.23 -18.28
CA THR A 499 -2.31 -6.64 -19.43
C THR A 499 -2.71 -8.00 -19.96
N LYS A 500 -3.36 -8.80 -19.13
CA LYS A 500 -3.78 -10.15 -19.55
C LYS A 500 -5.06 -10.14 -20.36
N LEU A 501 -4.92 -9.88 -21.65
CA LEU A 501 -6.06 -9.85 -22.55
C LEU A 501 -6.56 -11.26 -22.88
N GLY A 502 -7.47 -11.35 -23.84
CA GLY A 502 -8.02 -12.64 -24.20
C GLY A 502 -8.58 -13.32 -22.96
N ARG A 503 -8.67 -14.66 -23.01
CA ARG A 503 -9.19 -15.47 -21.92
C ARG A 503 -8.12 -16.05 -21.00
N PRO A 504 -7.63 -15.25 -20.03
CA PRO A 504 -6.60 -15.70 -19.08
C PRO A 504 -6.99 -16.90 -18.24
N ARG A 505 -6.14 -17.91 -18.24
CA ARG A 505 -6.36 -19.14 -17.47
C ARG A 505 -5.39 -19.23 -16.26
N ASN A 506 -5.59 -20.23 -15.40
CA ASN A 506 -4.76 -20.45 -14.20
C ASN A 506 -4.15 -19.18 -13.61
N PHE A 507 -5.03 -18.35 -13.07
CA PHE A 507 -4.68 -17.08 -12.43
C PHE A 507 -5.50 -16.88 -11.15
N THR A 508 -5.10 -15.92 -10.31
CA THR A 508 -5.80 -15.66 -9.07
C THR A 508 -6.08 -14.17 -8.85
N ILE A 509 -7.31 -13.85 -8.45
CA ILE A 509 -7.67 -12.46 -8.19
C ILE A 509 -7.13 -12.12 -6.78
N THR A 510 -6.65 -10.90 -6.59
CA THR A 510 -6.17 -10.46 -5.28
C THR A 510 -6.89 -9.20 -4.85
N VAL A 511 -7.89 -9.32 -3.98
CA VAL A 511 -8.58 -8.12 -3.53
C VAL A 511 -7.70 -7.64 -2.39
N ARG A 512 -7.40 -6.35 -2.36
CA ARG A 512 -6.53 -5.79 -1.35
C ARG A 512 -7.17 -4.69 -0.51
N GLU A 513 -8.45 -4.42 -0.77
CA GLU A 513 -9.19 -3.41 -0.02
C GLU A 513 -10.67 -3.77 -0.17
N VAL A 514 -11.47 -3.37 0.82
CA VAL A 514 -12.90 -3.66 0.81
C VAL A 514 -13.72 -2.51 1.42
N ARG A 515 -14.44 -1.80 0.57
CA ARG A 515 -15.24 -0.67 1.01
C ARG A 515 -16.71 -1.09 1.17
N LEU A 516 -17.55 -0.15 1.62
CA LEU A 516 -18.98 -0.42 1.83
C LEU A 516 -19.87 0.74 1.37
N SER A 517 -21.03 0.38 0.81
CA SER A 517 -22.01 1.36 0.36
C SER A 517 -23.37 0.92 0.90
N ALA A 518 -23.64 1.24 2.17
CA ALA A 518 -24.90 0.88 2.83
C ALA A 518 -26.11 1.39 2.03
N GLY A 519 -25.88 2.33 1.12
CA GLY A 519 -26.96 2.78 0.26
C GLY A 519 -26.86 1.78 -0.88
N GLY A 520 -26.78 0.49 -0.53
CA GLY A 520 -26.66 -0.57 -1.51
C GLY A 520 -25.95 -1.83 -1.01
N ARG A 521 -24.60 -1.86 -1.08
CA ARG A 521 -23.84 -3.04 -0.66
C ARG A 521 -22.29 -2.93 -0.53
N LEU A 522 -21.60 -4.07 -0.59
CA LEU A 522 -20.14 -4.15 -0.42
C LEU A 522 -19.32 -4.03 -1.70
N ILE A 523 -18.47 -3.00 -1.73
CA ILE A 523 -17.64 -2.74 -2.90
C ILE A 523 -16.19 -3.07 -2.66
N VAL A 524 -15.74 -4.21 -3.16
CA VAL A 524 -14.37 -4.61 -2.96
C VAL A 524 -13.50 -4.34 -4.19
N PRO A 525 -12.46 -3.47 -4.07
CA PRO A 525 -11.56 -3.14 -5.19
C PRO A 525 -10.34 -4.07 -5.22
N ILE A 526 -9.94 -4.49 -6.42
CA ILE A 526 -8.80 -5.39 -6.59
C ILE A 526 -7.51 -4.64 -6.86
N THR A 527 -7.45 -3.98 -8.01
CA THR A 527 -6.26 -3.23 -8.38
C THR A 527 -6.44 -1.82 -7.84
N GLY A 528 -5.80 -0.85 -8.49
CA GLY A 528 -5.96 0.52 -8.06
C GLY A 528 -7.25 1.00 -8.71
N ALA A 529 -8.23 0.09 -8.77
CA ALA A 529 -9.54 0.38 -9.36
C ALA A 529 -10.21 1.48 -8.55
N ILE A 530 -9.38 2.20 -7.80
CA ILE A 530 -9.83 3.28 -6.95
C ILE A 530 -9.81 4.61 -7.70
N MET A 531 -9.48 4.58 -8.99
CA MET A 531 -9.44 5.80 -9.80
C MET A 531 -10.84 6.40 -9.75
N THR A 532 -11.11 7.09 -8.64
CA THR A 532 -12.39 7.71 -8.37
C THR A 532 -12.43 9.17 -8.81
N MET A 533 -11.31 9.67 -9.31
CA MET A 533 -11.21 11.05 -9.77
C MET A 533 -10.13 11.18 -10.82
N PRO A 534 -10.50 11.05 -12.11
CA PRO A 534 -9.52 11.16 -13.19
C PRO A 534 -9.00 12.58 -13.31
N GLY A 535 -7.85 12.74 -13.96
CA GLY A 535 -7.29 14.07 -14.14
C GLY A 535 -7.24 14.38 -15.62
N LEU A 536 -7.01 15.65 -15.97
CA LEU A 536 -6.93 16.05 -17.36
C LEU A 536 -5.58 15.75 -17.97
N PRO A 537 -5.52 15.68 -19.31
CA PRO A 537 -4.27 15.39 -20.02
C PRO A 537 -3.48 16.68 -20.18
N LYS A 538 -2.22 16.52 -20.59
CA LYS A 538 -1.35 17.67 -20.80
C LYS A 538 -2.04 18.60 -21.80
N ARG A 539 -2.89 18.01 -22.62
CA ARG A 539 -3.63 18.75 -23.64
C ARG A 539 -5.09 18.80 -23.24
N PRO A 540 -5.44 19.66 -22.27
CA PRO A 540 -6.83 19.79 -21.80
C PRO A 540 -7.78 20.04 -22.97
N ALA A 541 -8.63 19.06 -23.27
CA ALA A 541 -9.59 19.19 -24.37
C ALA A 541 -10.28 20.54 -24.29
N ALA A 542 -10.34 21.08 -23.07
CA ALA A 542 -10.97 22.37 -22.82
C ALA A 542 -10.15 23.53 -23.38
N CYS A 543 -8.92 23.24 -23.80
CA CYS A 543 -8.04 24.28 -24.35
C CYS A 543 -8.36 24.59 -25.81
N ASN A 544 -8.89 23.62 -26.51
CA ASN A 544 -9.26 23.83 -27.89
C ASN A 544 -10.77 24.07 -27.95
N ILE A 545 -11.36 24.33 -26.79
CA ILE A 545 -12.80 24.58 -26.69
C ILE A 545 -13.11 26.05 -26.95
N ASP A 546 -14.23 26.30 -27.62
CA ASP A 546 -14.66 27.66 -27.93
C ASP A 546 -16.10 27.62 -28.39
N ILE A 547 -16.85 28.66 -28.09
CA ILE A 547 -18.22 28.75 -28.52
C ILE A 547 -18.33 29.99 -29.40
N ASP A 548 -18.84 29.79 -30.60
CA ASP A 548 -19.01 30.86 -31.58
C ASP A 548 -20.01 31.88 -31.03
N ALA A 549 -20.14 33.03 -31.69
CA ALA A 549 -21.11 34.02 -31.24
C ALA A 549 -22.51 33.38 -31.34
N ASP A 550 -22.52 32.18 -31.92
CA ASP A 550 -23.74 31.38 -32.10
C ASP A 550 -23.44 29.94 -31.68
N GLY A 551 -22.90 29.18 -32.62
CA GLY A 551 -22.60 27.79 -32.37
C GLY A 551 -21.41 27.46 -31.49
N VAL A 552 -21.38 26.20 -31.06
CA VAL A 552 -20.31 25.66 -30.21
C VAL A 552 -19.36 24.79 -31.05
N ILE A 553 -18.06 25.06 -30.96
CA ILE A 553 -17.07 24.33 -31.74
C ILE A 553 -15.98 23.61 -30.94
N THR A 554 -15.81 22.32 -31.24
CA THR A 554 -14.80 21.46 -30.60
C THR A 554 -15.29 20.70 -29.36
N GLY A 555 -16.39 19.97 -29.52
CA GLY A 555 -16.94 19.19 -28.42
C GLY A 555 -17.32 17.84 -28.96
N ILE B 8 16.96 -3.68 42.30
CA ILE B 8 16.93 -2.82 41.09
C ILE B 8 18.33 -2.72 40.48
N GLU B 9 18.43 -2.97 39.18
CA GLU B 9 19.70 -2.89 38.48
C GLU B 9 20.29 -1.49 38.50
N ILE B 10 19.46 -0.50 38.79
CA ILE B 10 19.94 0.88 38.83
C ILE B 10 20.77 1.06 40.10
N ALA B 11 20.24 0.55 41.22
CA ALA B 11 20.91 0.62 42.51
C ALA B 11 22.37 0.19 42.34
N GLN B 12 22.61 -0.61 41.30
CA GLN B 12 23.93 -1.12 40.97
C GLN B 12 24.89 -0.01 40.50
N ALA B 13 24.91 1.11 41.22
CA ALA B 13 25.79 2.23 40.91
C ALA B 13 26.83 2.41 42.01
N ALA B 14 28.00 1.77 41.83
CA ALA B 14 29.05 1.86 42.82
C ALA B 14 30.47 1.53 42.30
N LYS B 15 31.41 2.41 42.63
CA LYS B 15 32.84 2.29 42.30
C LYS B 15 33.34 2.41 40.86
N MET B 16 33.47 3.65 40.38
CA MET B 16 33.97 3.91 39.01
C MET B 16 35.41 4.46 39.06
N LYS B 17 36.03 4.64 37.89
CA LYS B 17 37.40 5.16 37.84
C LYS B 17 37.70 6.18 36.76
N PRO B 18 38.71 7.03 37.01
CA PRO B 18 39.13 8.07 36.07
C PRO B 18 39.41 7.45 34.72
N VAL B 19 38.74 7.94 33.71
CA VAL B 19 38.93 7.41 32.37
C VAL B 19 40.31 7.83 31.87
N MET B 20 40.72 9.05 32.23
CA MET B 20 42.03 9.56 31.81
C MET B 20 43.11 8.56 32.18
N GLU B 21 42.92 7.91 33.33
CA GLU B 21 43.85 6.91 33.84
C GLU B 21 43.78 5.68 32.92
N LEU B 22 42.57 5.21 32.69
CA LEU B 22 42.34 4.06 31.83
C LEU B 22 42.97 4.33 30.47
N ALA B 23 42.80 5.55 29.97
CA ALA B 23 43.36 5.95 28.68
C ALA B 23 44.87 5.77 28.75
N ARG B 24 45.41 5.90 29.95
CA ARG B 24 46.84 5.74 30.19
C ARG B 24 47.12 4.24 30.15
N GLY B 25 46.44 3.52 31.04
CA GLY B 25 46.59 2.08 31.11
C GLY B 25 46.04 1.38 29.88
N LEU B 26 46.38 1.91 28.71
CA LEU B 26 45.96 1.36 27.43
C LEU B 26 46.93 1.90 26.38
N GLY B 27 47.65 2.95 26.74
CA GLY B 27 48.62 3.52 25.82
C GLY B 27 48.10 4.68 24.99
N ILE B 28 47.47 5.65 25.65
CA ILE B 28 46.94 6.82 24.97
C ILE B 28 47.62 8.06 25.55
N GLN B 29 48.21 8.87 24.67
CA GLN B 29 48.88 10.10 25.12
C GLN B 29 47.80 10.99 25.75
N GLU B 30 48.07 11.58 26.90
CA GLU B 30 47.08 12.44 27.55
C GLU B 30 46.41 13.41 26.59
N ASP B 31 47.16 13.88 25.59
CA ASP B 31 46.64 14.83 24.60
C ASP B 31 45.65 14.18 23.62
N GLU B 32 45.20 12.97 23.94
CA GLU B 32 44.27 12.25 23.07
C GLU B 32 43.03 11.77 23.82
N VAL B 33 42.48 12.64 24.66
CA VAL B 33 41.27 12.35 25.44
C VAL B 33 40.60 13.66 25.86
N GLU B 34 39.36 13.81 25.42
CA GLU B 34 38.53 14.98 25.71
C GLU B 34 37.55 14.49 26.79
N LEU B 35 37.76 14.91 28.03
CA LEU B 35 36.88 14.47 29.11
C LEU B 35 35.54 15.19 29.15
N TYR B 36 34.50 14.41 29.44
CA TYR B 36 33.13 14.92 29.57
C TYR B 36 32.77 14.47 30.97
N GLY B 37 33.45 15.07 31.93
CA GLY B 37 33.26 14.72 33.32
C GLY B 37 34.50 13.91 33.60
N LYS B 38 34.59 13.33 34.79
CA LYS B 38 35.77 12.53 35.14
C LYS B 38 35.58 11.07 34.74
N TYR B 39 34.34 10.67 34.42
CA TYR B 39 34.05 9.30 34.05
C TYR B 39 33.57 8.98 32.64
N LYS B 40 33.94 9.81 31.66
CA LYS B 40 33.60 9.60 30.24
C LYS B 40 34.61 10.40 29.43
N ALA B 41 35.06 9.89 28.29
CA ALA B 41 36.04 10.67 27.54
C ALA B 41 36.23 10.36 26.05
N LYS B 42 36.07 11.39 25.22
CA LYS B 42 36.24 11.24 23.78
C LYS B 42 37.71 10.98 23.51
N ILE B 43 38.03 9.94 22.75
CA ILE B 43 39.42 9.65 22.41
C ILE B 43 39.62 10.01 20.96
N SER B 44 40.74 10.66 20.65
CA SER B 44 41.03 11.11 19.29
C SER B 44 41.31 10.00 18.30
N LEU B 45 41.21 10.36 17.01
CA LEU B 45 41.46 9.46 15.89
C LEU B 45 42.95 9.33 15.67
N ASP B 46 43.72 10.25 16.24
CA ASP B 46 45.17 10.23 16.12
C ASP B 46 45.77 8.90 16.63
N VAL B 47 45.12 8.31 17.64
CA VAL B 47 45.55 7.03 18.22
C VAL B 47 45.71 5.97 17.14
N TYR B 48 44.58 5.62 16.50
CA TYR B 48 44.57 4.64 15.42
C TYR B 48 45.70 4.96 14.42
N ARG B 49 45.47 6.00 13.63
CA ARG B 49 46.41 6.47 12.61
C ARG B 49 47.88 6.14 12.87
N ARG B 50 48.36 6.44 14.08
CA ARG B 50 49.76 6.16 14.41
C ARG B 50 49.98 4.66 14.64
N LEU B 51 49.09 4.04 15.41
CA LEU B 51 49.18 2.61 15.67
C LEU B 51 48.55 1.91 14.49
N LYS B 52 48.58 2.57 13.33
CA LYS B 52 48.01 2.02 12.11
C LYS B 52 48.57 0.64 11.79
N ASP B 53 49.89 0.49 11.93
CA ASP B 53 50.57 -0.77 11.64
C ASP B 53 50.64 -1.77 12.80
N LYS B 54 50.59 -1.26 14.04
CA LYS B 54 50.65 -2.14 15.21
C LYS B 54 49.72 -3.33 15.05
N PRO B 55 50.09 -4.47 15.65
CA PRO B 55 49.23 -5.65 15.55
C PRO B 55 47.82 -5.43 16.11
N ASP B 56 46.82 -5.79 15.31
CA ASP B 56 45.42 -5.66 15.71
C ASP B 56 45.17 -6.64 16.85
N GLY B 57 43.96 -7.18 16.90
CA GLY B 57 43.64 -8.13 17.94
C GLY B 57 42.61 -9.11 17.43
N LYS B 58 42.02 -9.89 18.34
CA LYS B 58 40.99 -10.84 17.94
C LYS B 58 39.67 -10.08 17.88
N LEU B 59 38.60 -10.78 17.52
CA LEU B 59 37.31 -10.12 17.42
C LEU B 59 36.18 -11.01 17.86
N ILE B 60 35.98 -11.13 19.16
CA ILE B 60 34.92 -11.97 19.69
C ILE B 60 33.57 -11.32 19.35
N LEU B 61 33.16 -11.43 18.09
CA LEU B 61 31.89 -10.84 17.70
C LEU B 61 30.74 -11.62 18.33
N VAL B 62 30.12 -11.01 19.33
CA VAL B 62 28.98 -11.62 20.00
C VAL B 62 27.70 -11.22 19.26
N THR B 63 26.77 -12.16 19.18
CA THR B 63 25.47 -11.99 18.51
C THR B 63 24.45 -12.80 19.34
N ALA B 64 23.26 -13.03 18.79
CA ALA B 64 22.25 -13.78 19.53
C ALA B 64 21.24 -14.54 18.65
N ILE B 65 20.42 -15.32 19.34
CA ILE B 65 19.39 -16.13 18.70
C ILE B 65 18.37 -15.24 18.00
N THR B 66 17.10 -15.60 18.19
CA THR B 66 15.98 -14.89 17.61
C THR B 66 15.17 -14.27 18.75
N PRO B 67 15.14 -12.93 18.82
CA PRO B 67 14.40 -12.24 19.88
C PRO B 67 13.02 -12.86 20.16
N THR B 68 12.56 -12.73 21.40
CA THR B 68 11.27 -13.28 21.80
C THR B 68 10.83 -12.57 23.08
N PRO B 69 9.51 -12.59 23.37
CA PRO B 69 8.99 -11.94 24.59
C PRO B 69 9.48 -12.59 25.89
N ALA B 70 10.42 -13.52 25.76
CA ALA B 70 10.97 -14.21 26.92
C ALA B 70 12.18 -13.48 27.50
N GLY B 71 13.15 -13.15 26.63
CA GLY B 71 14.33 -12.45 27.08
C GLY B 71 15.59 -12.82 26.32
N GLU B 72 16.05 -11.89 25.48
CA GLU B 72 17.26 -12.09 24.67
C GLU B 72 18.52 -12.32 25.51
N GLY B 73 19.22 -11.24 25.84
CA GLY B 73 20.43 -11.32 26.63
C GLY B 73 21.69 -10.95 25.87
N LYS B 74 21.50 -10.50 24.63
CA LYS B 74 22.58 -10.11 23.74
C LYS B 74 23.73 -9.33 24.40
N THR B 75 23.46 -8.13 24.88
CA THR B 75 24.48 -7.26 25.47
C THR B 75 25.11 -7.70 26.80
N THR B 76 24.27 -7.96 27.81
CA THR B 76 24.78 -8.40 29.11
C THR B 76 25.89 -9.37 28.83
N THR B 77 25.49 -10.57 28.42
CA THR B 77 26.38 -11.65 28.07
C THR B 77 27.64 -11.12 27.39
N SER B 78 27.47 -10.19 26.47
CA SER B 78 28.62 -9.60 25.74
C SER B 78 29.66 -8.90 26.63
N VAL B 79 29.21 -8.06 27.57
CA VAL B 79 30.14 -7.37 28.44
C VAL B 79 30.58 -8.31 29.57
N GLY B 80 29.63 -9.03 30.16
CA GLY B 80 29.93 -9.97 31.23
C GLY B 80 31.02 -10.97 30.88
N LEU B 81 31.21 -11.19 29.58
CA LEU B 81 32.24 -12.09 29.08
C LEU B 81 33.56 -11.33 29.08
N THR B 82 33.47 -10.01 28.95
CA THR B 82 34.65 -9.15 28.95
C THR B 82 35.06 -8.94 30.41
N ASP B 83 34.07 -9.04 31.30
CA ASP B 83 34.31 -8.90 32.74
C ASP B 83 35.02 -10.16 33.23
N ALA B 84 34.95 -11.20 32.41
CA ALA B 84 35.59 -12.47 32.72
C ALA B 84 36.89 -12.57 31.92
N LEU B 85 36.80 -12.35 30.60
CA LEU B 85 37.97 -12.43 29.72
C LEU B 85 39.20 -11.73 30.32
N ALA B 86 39.12 -10.42 30.52
CA ALA B 86 40.25 -9.69 31.08
C ALA B 86 40.41 -10.03 32.56
N ARG B 87 39.38 -10.60 33.17
CA ARG B 87 39.42 -10.98 34.58
C ARG B 87 40.38 -12.15 34.75
N LEU B 88 41.08 -12.43 33.66
CA LEU B 88 42.08 -13.49 33.62
C LEU B 88 43.32 -12.85 33.01
N GLY B 89 43.57 -11.59 33.39
CA GLY B 89 44.71 -10.87 32.86
C GLY B 89 44.79 -10.87 31.35
N LYS B 90 43.82 -10.21 30.70
CA LYS B 90 43.80 -10.13 29.24
C LYS B 90 43.56 -8.71 28.74
N ARG B 91 44.16 -8.38 27.59
CA ARG B 91 44.04 -7.06 26.99
C ARG B 91 42.90 -6.98 25.96
N VAL B 92 41.69 -6.71 26.49
CA VAL B 92 40.47 -6.62 25.68
C VAL B 92 39.53 -5.51 26.16
N MET B 93 38.72 -4.99 25.25
CA MET B 93 37.75 -3.93 25.57
C MET B 93 36.30 -4.33 25.25
N VAL B 94 35.57 -3.38 24.67
CA VAL B 94 34.17 -3.54 24.27
C VAL B 94 33.89 -2.49 23.19
N CYS B 95 32.76 -2.63 22.51
CA CYS B 95 32.36 -1.68 21.48
C CYS B 95 30.85 -1.79 21.30
N LEU B 96 30.11 -0.97 22.04
CA LEU B 96 28.66 -0.97 22.02
C LEU B 96 28.03 0.20 21.27
N ARG B 97 26.82 0.60 21.68
CA ARG B 97 26.10 1.69 21.01
C ARG B 97 25.24 2.51 21.99
N GLU B 98 25.06 3.83 21.78
CA GLU B 98 24.21 4.61 22.71
C GLU B 98 22.75 4.37 22.33
N PRO B 99 21.92 4.04 23.31
CA PRO B 99 20.49 3.78 23.15
C PRO B 99 19.71 5.09 22.97
N SER B 100 18.89 5.15 21.91
CA SER B 100 18.09 6.32 21.61
C SER B 100 17.57 6.95 22.90
N LEU B 101 17.40 8.27 22.88
CA LEU B 101 16.94 8.98 24.07
C LEU B 101 15.46 8.68 24.29
N GLY B 102 14.66 9.05 23.30
CA GLY B 102 13.22 8.87 23.33
C GLY B 102 12.67 7.73 24.17
N PRO B 103 13.28 6.55 24.08
CA PRO B 103 12.77 5.43 24.88
C PRO B 103 12.75 5.68 26.40
N SER B 104 13.75 6.42 26.91
CA SER B 104 13.89 6.75 28.33
C SER B 104 12.67 7.38 29.02
N PHE B 105 11.97 8.27 28.33
CA PHE B 105 10.79 8.93 28.89
C PHE B 105 9.51 8.27 28.34
N GLY B 106 9.69 7.15 27.63
CA GLY B 106 8.55 6.44 27.07
C GLY B 106 8.34 5.10 27.76
N ILE B 107 9.29 4.19 27.57
CA ILE B 107 9.22 2.87 28.18
C ILE B 107 10.43 2.71 29.10
N LYS B 108 10.70 3.75 29.89
CA LYS B 108 11.82 3.75 30.84
C LYS B 108 13.18 3.55 30.16
N GLY B 109 14.19 3.19 30.97
CA GLY B 109 15.53 2.96 30.46
C GLY B 109 16.21 1.79 31.16
N GLY B 110 17.31 1.33 30.59
CA GLY B 110 18.05 0.21 31.17
C GLY B 110 19.55 0.41 31.07
N ALA B 111 20.31 -0.37 31.84
CA ALA B 111 21.76 -0.27 31.84
C ALA B 111 22.38 -0.85 30.57
N ALA B 112 23.60 -0.40 30.27
CA ALA B 112 24.33 -0.84 29.08
C ALA B 112 24.72 -2.31 29.14
N GLY B 113 23.79 -3.16 28.73
CA GLY B 113 24.01 -4.60 28.78
C GLY B 113 23.08 -5.15 29.86
N GLY B 114 23.65 -5.48 31.02
CA GLY B 114 22.85 -6.00 32.11
C GLY B 114 23.64 -6.57 33.27
N GLY B 115 22.99 -6.64 34.45
CA GLY B 115 23.64 -7.16 35.63
C GLY B 115 25.03 -6.60 35.89
N TYR B 116 25.89 -7.40 36.50
CA TYR B 116 27.25 -6.95 36.79
C TYR B 116 28.15 -7.04 35.55
N ALA B 117 27.71 -6.39 34.48
CA ALA B 117 28.42 -6.35 33.21
C ALA B 117 27.92 -5.14 32.42
N GLN B 118 27.26 -4.22 33.12
CA GLN B 118 26.71 -3.01 32.50
C GLN B 118 27.70 -1.86 32.43
N VAL B 119 28.01 -1.38 31.22
CA VAL B 119 28.93 -0.26 31.07
C VAL B 119 28.36 0.97 31.80
N VAL B 120 29.23 1.79 32.36
CA VAL B 120 28.80 2.94 33.15
C VAL B 120 29.50 4.28 32.92
N PRO B 121 28.93 5.38 33.47
CA PRO B 121 27.69 5.43 34.28
C PRO B 121 26.43 5.15 33.46
N MET B 122 25.43 4.58 34.11
CA MET B 122 24.19 4.26 33.43
C MET B 122 23.56 5.55 32.90
N GLU B 123 22.95 6.35 33.77
CA GLU B 123 22.27 7.59 33.38
C GLU B 123 22.88 8.42 32.25
N ASP B 124 24.17 8.72 32.32
CA ASP B 124 24.77 9.50 31.25
C ASP B 124 24.51 8.87 29.89
N ILE B 125 24.24 7.56 29.85
CA ILE B 125 24.00 6.87 28.59
C ILE B 125 22.58 7.06 28.04
N ASN B 126 21.61 6.51 28.75
CA ASN B 126 20.23 6.62 28.31
C ASN B 126 19.90 8.09 28.01
N LEU B 127 20.60 9.01 28.68
CA LEU B 127 20.38 10.43 28.47
C LEU B 127 21.20 11.06 27.34
N HIS B 128 21.79 12.22 27.63
CA HIS B 128 22.60 12.98 26.68
C HIS B 128 23.98 12.36 26.37
N PHE B 129 24.62 11.78 27.38
CA PHE B 129 25.94 11.15 27.21
C PHE B 129 26.91 12.23 26.73
N THR B 130 27.72 11.93 25.72
CA THR B 130 28.63 12.93 25.21
C THR B 130 27.94 13.64 24.02
N GLY B 131 26.61 13.67 24.10
CA GLY B 131 25.80 14.31 23.08
C GLY B 131 26.22 13.93 21.67
N ASP B 132 26.37 12.63 21.45
CA ASP B 132 26.77 12.13 20.14
C ASP B 132 25.58 12.17 19.18
N ILE B 133 24.39 11.85 19.69
CA ILE B 133 23.22 11.88 18.82
C ILE B 133 23.00 13.33 18.34
N HIS B 134 22.69 14.23 19.27
CA HIS B 134 22.44 15.63 18.94
C HIS B 134 23.30 16.06 17.74
N ALA B 135 24.59 15.71 17.77
CA ALA B 135 25.48 16.06 16.66
C ALA B 135 24.87 15.54 15.37
N VAL B 136 24.57 14.24 15.37
CA VAL B 136 23.94 13.59 14.22
C VAL B 136 22.65 14.34 13.87
N THR B 137 21.72 14.36 14.83
CA THR B 137 20.43 15.02 14.68
C THR B 137 20.53 16.30 13.86
N TYR B 138 21.46 17.17 14.24
CA TYR B 138 21.66 18.42 13.52
C TYR B 138 22.29 18.26 12.15
N ALA B 139 23.24 17.33 12.03
CA ALA B 139 23.90 17.11 10.75
C ALA B 139 22.91 16.58 9.71
N HIS B 140 21.74 16.14 10.17
CA HIS B 140 20.70 15.63 9.29
C HIS B 140 19.69 16.76 9.00
N ASN B 141 18.97 17.20 10.05
CA ASN B 141 18.00 18.28 9.91
C ASN B 141 18.52 19.40 9.02
N LEU B 142 19.73 19.88 9.31
CA LEU B 142 20.32 20.94 8.51
C LEU B 142 20.26 20.60 7.05
N LEU B 143 20.74 19.41 6.69
CA LEU B 143 20.71 19.00 5.28
C LEU B 143 19.30 19.29 4.74
N ALA B 144 18.32 18.77 5.47
CA ALA B 144 16.91 18.93 5.18
C ALA B 144 16.60 20.42 5.02
N ALA B 145 17.17 21.22 5.93
CA ALA B 145 16.98 22.66 5.93
C ALA B 145 17.54 23.31 4.67
N MET B 146 18.68 22.79 4.20
CA MET B 146 19.31 23.30 3.00
C MET B 146 18.50 22.88 1.77
N VAL B 147 17.97 21.65 1.80
CA VAL B 147 17.14 21.17 0.68
C VAL B 147 15.94 22.09 0.55
N ASP B 148 15.15 22.18 1.62
CA ASP B 148 13.97 23.04 1.64
C ASP B 148 14.32 24.49 1.28
N ASN B 149 15.47 24.96 1.75
CA ASN B 149 15.87 26.33 1.44
C ASN B 149 16.14 26.49 -0.06
N HIS B 150 16.84 25.51 -0.62
CA HIS B 150 17.15 25.54 -2.04
C HIS B 150 15.83 25.84 -2.75
N LEU B 151 14.88 24.91 -2.67
CA LEU B 151 13.57 25.09 -3.31
C LEU B 151 13.13 26.56 -3.21
N GLN B 152 13.09 27.08 -1.99
CA GLN B 152 12.69 28.46 -1.76
C GLN B 152 13.48 29.48 -2.58
N GLN B 153 14.74 29.15 -2.85
CA GLN B 153 15.62 30.04 -3.59
C GLN B 153 15.25 30.15 -5.08
N GLY B 154 14.85 29.04 -5.67
CA GLY B 154 14.48 29.04 -7.07
C GLY B 154 14.66 27.65 -7.63
N ASN B 155 14.93 26.70 -6.76
CA ASN B 155 15.13 25.32 -7.16
C ASN B 155 16.05 25.22 -8.37
N VAL B 156 17.24 25.78 -8.21
CA VAL B 156 18.26 25.77 -9.24
C VAL B 156 18.57 24.38 -9.77
N LEU B 157 18.43 23.36 -8.94
CA LEU B 157 18.74 22.02 -9.40
C LEU B 157 17.53 21.36 -10.04
N ASN B 158 16.43 22.12 -10.13
CA ASN B 158 15.19 21.64 -10.72
C ASN B 158 14.66 20.33 -10.07
N ILE B 159 14.79 20.27 -8.74
CA ILE B 159 14.36 19.15 -7.88
C ILE B 159 12.82 19.06 -7.76
N ASP B 160 12.30 17.85 -7.61
CA ASP B 160 10.86 17.69 -7.43
C ASP B 160 10.57 17.48 -5.95
N PRO B 161 10.04 18.51 -5.27
CA PRO B 161 9.71 18.47 -3.83
C PRO B 161 8.95 17.22 -3.45
N ARG B 162 8.27 16.67 -4.43
CA ARG B 162 7.47 15.50 -4.21
C ARG B 162 8.29 14.21 -4.32
N THR B 163 9.50 14.32 -4.84
CA THR B 163 10.34 13.13 -4.94
C THR B 163 11.35 13.10 -3.78
N ILE B 164 11.40 14.20 -3.01
CA ILE B 164 12.33 14.32 -1.87
C ILE B 164 12.19 13.15 -0.88
N THR B 165 13.29 12.44 -0.68
CA THR B 165 13.30 11.31 0.21
C THR B 165 13.92 11.65 1.58
N TRP B 166 14.46 12.87 1.70
CA TRP B 166 15.11 13.28 2.94
C TRP B 166 14.22 13.93 4.03
N ARG B 167 13.74 13.11 4.97
CA ARG B 167 12.91 13.59 6.04
C ARG B 167 13.76 14.29 7.10
N ARG B 168 13.08 14.87 8.10
CA ARG B 168 13.76 15.57 9.19
C ARG B 168 14.01 14.57 10.32
N VAL B 169 14.56 15.03 11.46
CA VAL B 169 14.88 14.10 12.54
C VAL B 169 14.87 14.65 13.98
N ILE B 170 14.22 13.92 14.89
CA ILE B 170 14.20 14.28 16.32
C ILE B 170 14.42 12.95 17.04
N ASP B 171 15.00 12.97 18.23
CA ASP B 171 15.27 11.75 19.00
C ASP B 171 14.24 11.48 20.13
N LEU B 172 12.96 11.63 19.80
CA LEU B 172 11.86 11.41 20.76
C LEU B 172 10.75 10.57 20.07
N ASN B 173 10.02 9.75 20.83
CA ASN B 173 8.97 8.90 20.25
C ASN B 173 7.71 9.70 19.89
N ASP B 174 7.78 10.48 18.82
CA ASP B 174 6.63 11.30 18.39
C ASP B 174 5.85 10.77 17.19
N ARG B 175 4.65 10.27 17.47
CA ARG B 175 3.76 9.73 16.44
C ARG B 175 3.32 10.88 15.53
N ALA B 176 2.69 11.88 16.15
CA ALA B 176 2.17 13.05 15.45
C ALA B 176 3.14 13.64 14.45
N LEU B 177 4.41 13.27 14.52
CA LEU B 177 5.40 13.81 13.57
C LEU B 177 5.76 12.87 12.42
N ARG B 178 5.08 11.72 12.31
CA ARG B 178 5.38 10.75 11.25
C ARG B 178 4.84 11.10 9.85
N ASN B 179 3.94 12.07 9.75
CA ASN B 179 3.39 12.47 8.45
C ASN B 179 2.89 13.87 8.62
N ILE B 180 3.54 14.82 7.95
CA ILE B 180 3.17 16.21 8.10
C ILE B 180 3.37 16.95 6.81
N VAL B 181 2.93 18.20 6.77
CA VAL B 181 3.12 19.03 5.57
C VAL B 181 3.77 20.32 6.04
N ILE B 182 4.94 20.64 5.50
CA ILE B 182 5.65 21.84 5.91
C ILE B 182 5.69 22.85 4.78
N GLY B 183 6.26 24.02 5.06
CA GLY B 183 6.37 25.05 4.05
C GLY B 183 5.15 25.91 3.87
N LEU B 184 4.07 25.58 4.59
CA LEU B 184 2.81 26.33 4.48
C LEU B 184 3.00 27.78 4.89
N GLY B 185 2.24 28.67 4.24
CA GLY B 185 2.33 30.07 4.59
C GLY B 185 2.65 31.10 3.52
N GLY B 186 3.05 30.68 2.33
CA GLY B 186 3.33 31.68 1.30
C GLY B 186 4.79 31.88 0.91
N LYS B 187 4.98 32.65 -0.16
CA LYS B 187 6.30 32.92 -0.72
C LYS B 187 7.46 33.13 0.26
N ALA B 188 7.16 33.51 1.50
CA ALA B 188 8.25 33.71 2.45
C ALA B 188 8.42 32.52 3.39
N ASN B 189 7.50 31.57 3.33
CA ASN B 189 7.60 30.41 4.19
C ASN B 189 8.14 29.25 3.41
N GLY B 190 8.44 29.51 2.16
CA GLY B 190 9.00 28.46 1.33
C GLY B 190 7.99 27.64 0.58
N VAL B 191 8.45 26.48 0.13
CA VAL B 191 7.62 25.58 -0.67
C VAL B 191 6.91 24.46 0.07
N PRO B 192 5.56 24.53 0.16
CA PRO B 192 4.77 23.49 0.83
C PRO B 192 5.07 22.14 0.19
N ARG B 193 5.21 21.10 1.02
CA ARG B 193 5.48 19.74 0.56
C ARG B 193 5.29 18.73 1.69
N GLU B 194 5.28 17.45 1.36
CA GLU B 194 5.07 16.45 2.39
C GLU B 194 6.33 15.67 2.77
N THR B 195 6.56 15.58 4.08
CA THR B 195 7.72 14.88 4.64
C THR B 195 7.24 14.36 5.98
N GLY B 196 8.19 14.11 6.87
CA GLY B 196 7.89 13.61 8.20
C GLY B 196 9.18 13.60 9.01
N PHE B 197 9.13 12.97 10.19
CA PHE B 197 10.29 12.85 11.08
C PHE B 197 10.52 11.34 11.41
N ASP B 198 11.78 10.92 11.46
CA ASP B 198 12.11 9.54 11.83
C ASP B 198 13.00 9.71 13.06
N ILE B 199 13.07 8.71 13.94
CA ILE B 199 13.89 8.87 15.14
C ILE B 199 15.30 9.11 14.68
N SER B 200 16.10 9.81 15.49
CA SER B 200 17.47 10.13 15.11
C SER B 200 18.33 8.89 14.97
N VAL B 201 18.33 8.02 15.97
CA VAL B 201 19.16 6.82 15.89
C VAL B 201 18.91 6.10 14.57
N ALA B 202 17.69 6.24 14.05
CA ALA B 202 17.27 5.63 12.78
C ALA B 202 17.68 6.44 11.53
N SER B 203 18.58 7.39 11.69
CA SER B 203 19.06 8.25 10.62
C SER B 203 20.16 7.61 9.77
N GLU B 204 20.14 7.86 8.47
CA GLU B 204 21.18 7.31 7.59
C GLU B 204 22.49 7.89 8.09
N VAL B 205 22.38 9.07 8.70
CA VAL B 205 23.53 9.77 9.25
C VAL B 205 24.16 8.97 10.38
N MET B 206 23.37 8.60 11.38
CA MET B 206 23.93 7.82 12.49
C MET B 206 24.68 6.66 11.86
N ALA B 207 24.09 6.12 10.80
CA ALA B 207 24.66 4.99 10.07
C ALA B 207 26.03 5.36 9.54
N CYS B 208 26.08 6.32 8.61
CA CYS B 208 27.36 6.77 8.04
C CYS B 208 28.39 6.82 9.17
N LEU B 209 27.98 7.42 10.28
CA LEU B 209 28.86 7.50 11.45
C LEU B 209 29.41 6.10 11.75
N CYS B 210 28.50 5.16 12.08
CA CYS B 210 28.89 3.79 12.40
C CYS B 210 29.71 3.07 11.32
N LEU B 211 29.80 3.62 10.11
CA LEU B 211 30.59 3.00 9.02
C LEU B 211 31.54 3.98 8.34
N ALA B 212 32.46 4.59 9.10
CA ALA B 212 33.37 5.52 8.46
C ALA B 212 34.77 5.50 9.05
N SER B 213 35.77 5.57 8.17
CA SER B 213 37.20 5.55 8.54
C SER B 213 37.57 6.75 9.42
N ASP B 214 37.26 7.95 8.95
CA ASP B 214 37.55 9.18 9.69
C ASP B 214 36.69 10.32 9.15
N LEU B 215 36.68 11.44 9.86
CA LEU B 215 35.89 12.58 9.42
C LEU B 215 35.95 12.81 7.92
N MET B 216 37.16 12.94 7.36
CA MET B 216 37.26 13.16 5.93
C MET B 216 36.53 12.05 5.14
N ASP B 217 36.57 10.82 5.64
CA ASP B 217 35.85 9.72 4.96
C ASP B 217 34.37 10.07 5.11
N LEU B 218 33.94 10.15 6.38
CA LEU B 218 32.57 10.49 6.73
C LEU B 218 32.08 11.66 5.89
N LYS B 219 32.85 12.74 5.83
CA LYS B 219 32.47 13.92 5.05
C LYS B 219 31.98 13.51 3.65
N GLU B 220 32.84 12.83 2.90
CA GLU B 220 32.51 12.37 1.55
C GLU B 220 31.35 11.34 1.59
N ARG B 221 31.43 10.42 2.55
CA ARG B 221 30.43 9.39 2.73
C ARG B 221 29.05 10.03 2.92
N PHE B 222 29.06 11.35 3.13
CA PHE B 222 27.87 12.15 3.32
C PHE B 222 27.37 12.62 1.97
N SER B 223 28.28 13.22 1.22
CA SER B 223 28.02 13.77 -0.10
C SER B 223 27.29 12.85 -1.10
N ARG B 224 27.47 11.54 -0.94
CA ARG B 224 26.85 10.58 -1.85
C ARG B 224 25.38 10.30 -1.58
N ILE B 225 24.96 10.56 -0.33
CA ILE B 225 23.57 10.35 0.09
C ILE B 225 22.59 11.23 -0.67
N VAL B 226 21.68 10.57 -1.39
CA VAL B 226 20.64 11.21 -2.21
C VAL B 226 19.50 11.75 -1.36
N VAL B 227 19.15 13.00 -1.62
CA VAL B 227 18.08 13.66 -0.90
C VAL B 227 16.79 13.54 -1.69
N GLY B 228 16.91 13.52 -3.01
CA GLY B 228 15.74 13.40 -3.87
C GLY B 228 16.17 13.45 -5.32
N TYR B 229 15.23 13.64 -6.24
CA TYR B 229 15.54 13.70 -7.69
C TYR B 229 14.95 14.97 -8.35
N THR B 230 15.20 15.16 -9.65
CA THR B 230 14.64 16.33 -10.33
C THR B 230 13.40 15.93 -11.13
N TYR B 231 12.86 16.87 -11.89
CA TYR B 231 11.68 16.58 -12.69
C TYR B 231 12.06 15.62 -13.80
N ASP B 232 13.33 15.59 -14.17
CA ASP B 232 13.81 14.67 -15.21
C ASP B 232 14.17 13.30 -14.61
N GLY B 233 14.15 13.18 -13.29
CA GLY B 233 14.48 11.92 -12.63
C GLY B 233 15.96 11.77 -12.27
N LYS B 234 16.72 12.85 -12.46
CA LYS B 234 18.15 12.89 -12.17
C LYS B 234 18.41 13.01 -10.68
N PRO B 235 19.13 12.03 -10.10
CA PRO B 235 19.41 12.10 -8.66
C PRO B 235 20.12 13.38 -8.27
N VAL B 236 19.82 13.84 -7.05
CA VAL B 236 20.45 15.03 -6.48
C VAL B 236 21.00 14.55 -5.15
N THR B 237 22.25 14.88 -4.86
CA THR B 237 22.87 14.45 -3.62
C THR B 237 23.26 15.62 -2.73
N ALA B 238 23.53 15.35 -1.47
CA ALA B 238 23.94 16.40 -0.55
C ALA B 238 25.11 17.11 -1.23
N GLY B 239 25.84 16.35 -2.04
CA GLY B 239 26.96 16.91 -2.78
C GLY B 239 26.51 18.09 -3.62
N ASP B 240 25.58 17.85 -4.54
CA ASP B 240 25.09 18.94 -5.40
C ASP B 240 24.56 20.09 -4.54
N LEU B 241 24.31 19.81 -3.26
CA LEU B 241 23.82 20.84 -2.38
C LEU B 241 24.90 21.61 -1.62
N GLU B 242 26.08 21.01 -1.49
CA GLU B 242 27.23 21.63 -0.81
C GLU B 242 27.19 21.56 0.72
N ALA B 243 26.41 20.62 1.24
CA ALA B 243 26.27 20.46 2.69
C ALA B 243 27.21 19.42 3.30
N GLN B 244 27.99 18.77 2.46
CA GLN B 244 28.94 17.74 2.90
C GLN B 244 29.79 18.17 4.10
N GLY B 245 30.82 18.98 3.83
CA GLY B 245 31.70 19.45 4.88
C GLY B 245 30.94 20.09 6.03
N SER B 246 29.98 20.95 5.69
CA SER B 246 29.15 21.61 6.68
C SER B 246 28.73 20.56 7.71
N MET B 247 27.90 19.62 7.25
CA MET B 247 27.43 18.54 8.11
C MET B 247 28.57 17.97 8.94
N ALA B 248 29.70 17.69 8.29
CA ALA B 248 30.88 17.13 8.93
C ALA B 248 31.34 17.89 10.16
N LEU B 249 31.42 19.22 10.06
CA LEU B 249 31.84 20.05 11.18
C LEU B 249 30.90 19.95 12.38
N LEU B 250 29.62 19.67 12.13
CA LEU B 250 28.68 19.52 13.24
C LEU B 250 29.05 18.23 13.96
N MET B 251 29.77 17.36 13.25
CA MET B 251 30.17 16.04 13.74
C MET B 251 31.61 15.86 14.22
N LYS B 252 32.45 16.87 14.05
CA LYS B 252 33.85 16.79 14.49
C LYS B 252 34.05 16.18 15.88
N ASP B 253 33.03 16.24 16.73
CA ASP B 253 33.13 15.72 18.09
C ASP B 253 32.56 14.31 18.32
N ALA B 254 31.61 13.91 17.49
CA ALA B 254 31.01 12.60 17.62
C ALA B 254 31.83 11.59 16.86
N ILE B 255 32.56 12.05 15.86
CA ILE B 255 33.40 11.14 15.08
C ILE B 255 34.39 10.43 16.01
N LYS B 256 34.64 11.06 17.17
CA LYS B 256 35.56 10.51 18.17
C LYS B 256 34.79 9.48 18.98
N PRO B 257 35.38 8.32 19.25
CA PRO B 257 34.70 7.28 20.02
C PRO B 257 34.67 7.69 21.47
N ASN B 258 33.67 7.22 22.19
CA ASN B 258 33.59 7.57 23.60
C ASN B 258 34.39 6.56 24.39
N LEU B 259 34.60 6.81 25.68
CA LEU B 259 35.33 5.87 26.49
C LEU B 259 34.77 5.82 27.91
N VAL B 260 34.45 4.62 28.36
CA VAL B 260 33.94 4.39 29.71
C VAL B 260 34.32 2.97 30.07
N GLN B 261 34.12 2.61 31.34
CA GLN B 261 34.46 1.28 31.79
C GLN B 261 33.26 0.39 32.08
N THR B 262 33.54 -0.74 32.73
CA THR B 262 32.52 -1.70 33.13
C THR B 262 32.40 -1.51 34.65
N LEU B 263 31.55 -2.29 35.30
CA LEU B 263 31.50 -2.16 36.75
C LEU B 263 32.88 -2.67 37.14
N GLU B 264 33.43 -3.52 36.28
CA GLU B 264 34.75 -4.12 36.50
C GLU B 264 35.88 -3.37 35.78
N ASN B 265 35.64 -2.08 35.58
CA ASN B 265 36.60 -1.16 34.96
C ASN B 265 37.21 -1.62 33.62
N THR B 266 36.62 -2.61 32.97
CA THR B 266 37.19 -3.05 31.70
C THR B 266 36.94 -2.01 30.60
N PRO B 267 38.02 -1.47 30.02
CA PRO B 267 37.93 -0.46 28.95
C PRO B 267 36.82 -0.76 27.94
N ALA B 268 35.78 0.08 27.96
CA ALA B 268 34.64 -0.08 27.06
C ALA B 268 34.42 1.13 26.16
N PHE B 269 34.32 0.85 24.85
CA PHE B 269 34.06 1.88 23.87
C PHE B 269 32.57 1.80 23.62
N ILE B 270 31.90 2.95 23.59
CA ILE B 270 30.47 3.02 23.37
C ILE B 270 30.28 4.17 22.38
N HIS B 271 30.34 3.83 21.10
CA HIS B 271 30.25 4.82 20.03
C HIS B 271 29.32 4.37 18.89
N GLY B 272 28.33 5.21 18.57
CA GLY B 272 27.38 4.91 17.51
C GLY B 272 26.07 4.30 18.02
N GLY B 273 25.16 4.02 17.09
CA GLY B 273 23.86 3.44 17.45
C GLY B 273 22.86 3.50 16.31
N PRO B 274 23.05 2.68 15.27
CA PRO B 274 22.18 2.62 14.09
C PRO B 274 21.00 1.64 14.24
N PHE B 275 19.99 1.83 13.39
CA PHE B 275 18.80 0.98 13.39
C PHE B 275 19.27 -0.33 12.77
N ALA B 276 19.14 -1.41 13.54
CA ALA B 276 19.59 -2.73 13.09
C ALA B 276 18.82 -3.35 11.91
N ASN B 277 17.56 -2.97 11.72
CA ASN B 277 16.80 -3.55 10.60
C ASN B 277 17.02 -2.80 9.28
N ILE B 278 16.82 -1.48 9.31
CA ILE B 278 17.00 -0.62 8.14
C ILE B 278 18.49 -0.45 7.88
N ALA B 279 19.30 -0.75 8.89
CA ALA B 279 20.75 -0.64 8.81
C ALA B 279 21.43 -1.80 9.55
N HIS B 280 22.72 -2.01 9.30
CA HIS B 280 23.48 -3.09 9.90
C HIS B 280 23.31 -3.23 11.41
N GLY B 281 22.85 -2.17 12.07
CA GLY B 281 22.65 -2.21 13.50
C GLY B 281 23.85 -2.60 14.36
N CYS B 282 25.06 -2.26 13.91
CA CYS B 282 26.29 -2.57 14.66
C CYS B 282 26.89 -1.23 15.13
N ASN B 283 27.85 -1.25 16.07
CA ASN B 283 28.44 0.02 16.50
C ASN B 283 29.35 0.60 15.41
N SER B 284 29.92 1.79 15.66
CA SER B 284 30.79 2.46 14.69
C SER B 284 32.08 1.72 14.41
N ILE B 285 32.65 1.96 13.24
CA ILE B 285 33.91 1.29 12.87
C ILE B 285 35.03 1.87 13.73
N ILE B 286 35.52 3.05 13.36
CA ILE B 286 36.61 3.73 14.07
C ILE B 286 36.79 3.26 15.53
N ALA B 287 35.68 3.11 16.26
CA ALA B 287 35.72 2.66 17.65
C ALA B 287 36.47 1.34 17.79
N THR B 288 36.08 0.36 16.98
CA THR B 288 36.70 -0.96 16.98
C THR B 288 38.03 -1.00 16.21
N LYS B 289 38.08 -0.43 15.01
CA LYS B 289 39.31 -0.43 14.24
C LYS B 289 40.44 0.18 15.06
N THR B 290 40.06 1.09 15.96
CA THR B 290 41.00 1.75 16.84
C THR B 290 41.14 0.91 18.10
N ALA B 291 40.01 0.44 18.61
CA ALA B 291 39.99 -0.39 19.82
C ALA B 291 40.88 -1.60 19.61
N LEU B 292 40.89 -2.10 18.37
CA LEU B 292 41.72 -3.24 17.98
C LEU B 292 43.18 -2.99 18.36
N LYS B 293 43.81 -2.05 17.66
CA LYS B 293 45.20 -1.68 17.92
C LYS B 293 45.47 -1.68 19.42
N LEU B 294 44.74 -0.82 20.11
CA LEU B 294 44.85 -0.64 21.56
C LEU B 294 44.47 -1.86 22.39
N ALA B 295 44.59 -3.05 21.83
CA ALA B 295 44.23 -4.24 22.58
C ALA B 295 44.60 -5.54 21.90
N ASP B 296 44.51 -6.62 22.66
CA ASP B 296 44.81 -7.96 22.15
C ASP B 296 43.53 -8.49 21.53
N TYR B 297 42.42 -8.18 22.21
CA TYR B 297 41.09 -8.61 21.79
C TYR B 297 40.09 -7.43 21.82
N VAL B 298 38.93 -7.64 21.21
CA VAL B 298 37.86 -6.63 21.16
C VAL B 298 36.51 -7.36 21.08
N VAL B 299 35.68 -7.22 22.11
CA VAL B 299 34.37 -7.88 22.15
C VAL B 299 33.23 -6.99 21.64
N THR B 300 32.77 -7.24 20.41
CA THR B 300 31.71 -6.44 19.79
C THR B 300 30.41 -7.17 19.42
N GLU B 301 29.28 -6.47 19.58
CA GLU B 301 27.96 -7.03 19.27
C GLU B 301 27.19 -6.22 18.23
N ALA B 302 26.12 -6.81 17.69
CA ALA B 302 25.28 -6.17 16.68
C ALA B 302 23.79 -6.24 17.02
N GLY B 303 22.99 -5.53 16.23
CA GLY B 303 21.55 -5.51 16.45
C GLY B 303 20.78 -6.76 16.04
N PHE B 304 19.62 -6.93 16.67
CA PHE B 304 18.71 -8.06 16.43
C PHE B 304 19.40 -9.42 16.47
N GLY B 305 18.77 -10.39 15.80
CA GLY B 305 19.29 -11.74 15.74
C GLY B 305 20.54 -11.85 14.89
N ALA B 306 21.01 -13.09 14.73
CA ALA B 306 22.21 -13.33 13.95
C ALA B 306 21.90 -13.36 12.45
N ASP B 307 20.63 -13.54 12.11
CA ASP B 307 20.27 -13.57 10.69
C ASP B 307 20.27 -12.16 10.10
N LEU B 308 20.06 -11.16 10.95
CA LEU B 308 20.05 -9.76 10.52
C LEU B 308 21.34 -9.03 10.92
N GLY B 309 21.55 -8.85 12.23
CA GLY B 309 22.73 -8.16 12.72
C GLY B 309 24.03 -8.84 12.37
N ALA B 310 24.13 -10.13 12.66
CA ALA B 310 25.37 -10.87 12.37
C ALA B 310 25.67 -10.84 10.87
N GLU B 311 24.69 -11.25 10.05
CA GLU B 311 24.89 -11.25 8.62
C GLU B 311 25.37 -9.87 8.15
N LYS B 312 24.66 -8.83 8.57
CA LYS B 312 24.99 -7.46 8.18
C LYS B 312 26.37 -7.01 8.66
N PHE B 313 26.73 -7.41 9.87
CA PHE B 313 28.04 -7.08 10.42
C PHE B 313 29.10 -7.65 9.50
N TYR B 314 28.83 -8.85 8.99
CA TYR B 314 29.73 -9.57 8.09
C TYR B 314 29.81 -9.02 6.67
N ASP B 315 28.74 -8.41 6.19
CA ASP B 315 28.72 -7.91 4.82
C ASP B 315 28.75 -6.39 4.65
N VAL B 316 28.60 -5.65 5.74
CA VAL B 316 28.62 -4.19 5.69
C VAL B 316 29.91 -3.65 6.31
N LYS B 317 30.02 -3.87 7.62
CA LYS B 317 31.15 -3.45 8.41
C LYS B 317 32.44 -4.10 7.91
N CYS B 318 32.66 -5.35 8.31
CA CYS B 318 33.84 -6.10 7.91
C CYS B 318 34.24 -5.84 6.47
N ARG B 319 33.25 -5.82 5.59
CA ARG B 319 33.48 -5.59 4.18
C ARG B 319 34.37 -4.36 3.95
N TYR B 320 33.80 -3.17 4.16
CA TYR B 320 34.50 -1.89 3.96
C TYR B 320 35.73 -1.72 4.83
N ALA B 321 35.56 -1.97 6.13
CA ALA B 321 36.63 -1.80 7.12
C ALA B 321 37.70 -2.91 7.18
N GLY B 322 37.50 -3.96 6.39
CA GLY B 322 38.47 -5.06 6.33
C GLY B 322 38.71 -5.95 7.56
N PHE B 323 37.69 -6.18 8.36
CA PHE B 323 37.88 -7.03 9.53
C PHE B 323 37.80 -8.49 9.09
N LYS B 324 38.05 -9.41 10.01
CA LYS B 324 38.01 -10.84 9.75
C LYS B 324 37.72 -11.60 11.05
N PRO B 325 36.50 -11.40 11.59
CA PRO B 325 35.91 -11.97 12.82
C PRO B 325 36.46 -13.30 13.31
N ASP B 326 37.71 -13.28 13.74
CA ASP B 326 38.40 -14.47 14.25
C ASP B 326 37.48 -15.45 15.01
N ALA B 327 36.58 -14.89 15.80
CA ALA B 327 35.63 -15.69 16.55
C ALA B 327 34.27 -15.06 16.33
N THR B 328 33.29 -15.57 17.08
CA THR B 328 31.90 -15.11 17.03
C THR B 328 31.14 -16.04 17.97
N VAL B 329 30.42 -15.44 18.91
CA VAL B 329 29.64 -16.21 19.86
C VAL B 329 28.17 -16.02 19.50
N ILE B 330 27.31 -16.82 20.11
CA ILE B 330 25.88 -16.75 19.88
C ILE B 330 25.16 -16.98 21.20
N VAL B 331 24.52 -15.94 21.71
CA VAL B 331 23.79 -16.03 22.97
C VAL B 331 22.50 -16.81 22.72
N ALA B 332 21.76 -17.07 23.80
CA ALA B 332 20.50 -17.80 23.74
C ALA B 332 20.17 -18.30 25.14
N THR B 333 18.88 -18.30 25.47
CA THR B 333 18.45 -18.76 26.78
C THR B 333 17.52 -19.96 26.58
N VAL B 334 17.15 -20.62 27.67
CA VAL B 334 16.24 -21.76 27.61
C VAL B 334 14.87 -21.27 27.18
N ARG B 335 14.16 -20.66 28.14
CA ARG B 335 12.83 -20.11 27.91
C ARG B 335 12.67 -19.43 26.55
N ALA B 336 13.74 -18.81 26.07
CA ALA B 336 13.71 -18.13 24.77
C ALA B 336 13.49 -19.16 23.65
N LEU B 337 14.32 -20.20 23.63
CA LEU B 337 14.20 -21.26 22.62
C LEU B 337 12.97 -22.13 22.83
N LYS B 338 12.42 -22.08 24.04
CA LYS B 338 11.23 -22.88 24.35
C LYS B 338 10.07 -22.30 23.54
N MET B 339 9.85 -21.00 23.69
CA MET B 339 8.77 -20.31 22.96
C MET B 339 8.78 -20.74 21.50
N HIS B 340 9.98 -20.90 20.94
CA HIS B 340 10.15 -21.33 19.55
C HIS B 340 9.57 -22.71 19.34
N GLY B 341 9.00 -23.26 20.42
CA GLY B 341 8.39 -24.57 20.36
C GLY B 341 6.90 -24.46 20.61
N GLY B 342 6.40 -23.23 20.68
CA GLY B 342 4.99 -22.99 20.92
C GLY B 342 4.71 -22.51 22.33
N VAL B 343 5.77 -22.51 23.15
CA VAL B 343 5.69 -22.08 24.55
C VAL B 343 5.25 -20.62 24.72
N PRO B 344 4.08 -20.41 25.36
CA PRO B 344 3.51 -19.07 25.60
C PRO B 344 4.40 -18.28 26.55
N LYS B 345 4.07 -16.99 26.75
CA LYS B 345 4.85 -16.16 27.65
C LYS B 345 4.49 -16.48 29.11
N SER B 346 3.22 -16.81 29.33
CA SER B 346 2.73 -17.14 30.67
C SER B 346 2.94 -18.63 30.93
N ASP B 347 3.74 -19.27 30.08
CA ASP B 347 4.05 -20.70 30.21
C ASP B 347 5.54 -20.99 30.19
N LEU B 348 6.35 -19.96 30.43
CA LEU B 348 7.81 -20.12 30.45
C LEU B 348 8.28 -20.65 31.80
N ALA B 349 7.46 -20.40 32.83
CA ALA B 349 7.75 -20.81 34.20
C ALA B 349 8.01 -22.30 34.37
N THR B 350 7.32 -23.12 33.58
CA THR B 350 7.46 -24.56 33.65
C THR B 350 8.48 -25.17 32.66
N GLU B 351 8.84 -26.41 32.95
CA GLU B 351 9.78 -27.17 32.15
C GLU B 351 9.07 -27.94 31.05
N ASN B 352 9.80 -28.23 29.99
CA ASN B 352 9.29 -28.98 28.86
C ASN B 352 10.48 -29.32 27.98
N LEU B 353 10.93 -30.56 28.04
CA LEU B 353 12.09 -30.98 27.28
C LEU B 353 11.80 -31.31 25.80
N GLU B 354 10.54 -31.16 25.38
CA GLU B 354 10.17 -31.46 24.00
C GLU B 354 10.06 -30.16 23.19
N ALA B 355 9.43 -29.15 23.78
CA ALA B 355 9.27 -27.84 23.15
C ALA B 355 10.65 -27.20 23.16
N LEU B 356 11.36 -27.39 24.27
CA LEU B 356 12.70 -26.85 24.43
C LEU B 356 13.51 -27.47 23.29
N ARG B 357 13.14 -28.69 22.91
CA ARG B 357 13.82 -29.39 21.84
C ARG B 357 13.54 -28.71 20.49
N GLU B 358 12.37 -28.96 19.92
CA GLU B 358 12.03 -28.36 18.63
C GLU B 358 12.50 -26.92 18.59
N GLY B 359 11.93 -26.08 19.46
CA GLY B 359 12.32 -24.69 19.52
C GLY B 359 13.81 -24.52 19.28
N PHE B 360 14.60 -25.41 19.88
CA PHE B 360 16.03 -25.38 19.74
C PHE B 360 16.46 -25.14 18.29
N ALA B 361 15.70 -25.67 17.34
CA ALA B 361 16.02 -25.51 15.92
C ALA B 361 16.46 -24.10 15.58
N ASN B 362 15.97 -23.13 16.35
CA ASN B 362 16.32 -21.72 16.15
C ASN B 362 17.83 -21.59 16.36
N LEU B 363 18.24 -21.92 17.58
CA LEU B 363 19.64 -21.88 17.96
C LEU B 363 20.52 -22.66 16.98
N GLU B 364 20.04 -23.85 16.56
CA GLU B 364 20.76 -24.71 15.63
C GLU B 364 20.88 -24.10 14.23
N LYS B 365 19.81 -23.46 13.77
CA LYS B 365 19.82 -22.83 12.45
C LYS B 365 20.88 -21.73 12.43
N HIS B 366 20.81 -20.82 13.41
CA HIS B 366 21.78 -19.73 13.51
C HIS B 366 23.20 -20.31 13.41
N ILE B 367 23.54 -21.20 14.35
CA ILE B 367 24.86 -21.85 14.41
C ILE B 367 25.43 -22.06 13.02
N GLU B 368 24.71 -22.87 12.24
CA GLU B 368 25.07 -23.22 10.87
C GLU B 368 25.44 -21.99 10.04
N ASN B 369 24.53 -21.03 10.00
CA ASN B 369 24.76 -19.80 9.25
C ASN B 369 26.09 -19.18 9.65
N ILE B 370 26.34 -19.09 10.96
CA ILE B 370 27.59 -18.52 11.45
C ILE B 370 28.76 -19.13 10.69
N GLY B 371 28.93 -20.44 10.85
CA GLY B 371 30.03 -21.14 10.18
C GLY B 371 30.22 -20.77 8.73
N LYS B 372 29.14 -20.45 8.04
CA LYS B 372 29.21 -20.14 6.62
C LYS B 372 30.09 -18.94 6.26
N PHE B 373 30.38 -18.07 7.22
CA PHE B 373 31.21 -16.91 6.90
C PHE B 373 32.71 -17.18 7.07
N GLY B 374 33.05 -18.43 7.36
CA GLY B 374 34.44 -18.78 7.54
C GLY B 374 34.96 -18.23 8.85
N VAL B 375 34.20 -18.46 9.91
CA VAL B 375 34.57 -17.99 11.23
C VAL B 375 33.99 -18.90 12.30
N PRO B 376 34.76 -19.18 13.35
CA PRO B 376 34.32 -20.03 14.46
C PRO B 376 32.96 -19.62 15.00
N ALA B 377 32.43 -20.43 15.92
CA ALA B 377 31.15 -20.17 16.55
C ALA B 377 31.19 -20.86 17.90
N VAL B 378 30.31 -20.47 18.81
CA VAL B 378 30.23 -21.07 20.15
C VAL B 378 28.91 -20.68 20.81
N VAL B 379 28.28 -21.64 21.49
CA VAL B 379 27.03 -21.37 22.16
C VAL B 379 27.24 -20.67 23.48
N ALA B 380 26.38 -19.70 23.75
CA ALA B 380 26.41 -18.94 25.00
C ALA B 380 25.00 -19.11 25.53
N ILE B 381 24.89 -19.53 26.79
CA ILE B 381 23.57 -19.73 27.37
C ILE B 381 23.30 -18.82 28.54
N ASN B 382 22.12 -18.21 28.53
CA ASN B 382 21.72 -17.32 29.60
C ASN B 382 21.26 -18.18 30.78
N ALA B 383 21.60 -17.73 31.99
CA ALA B 383 21.21 -18.45 33.19
C ALA B 383 19.98 -17.81 33.82
N PHE B 384 18.94 -18.61 34.03
CA PHE B 384 17.72 -18.11 34.65
C PHE B 384 17.20 -19.05 35.76
N PRO B 385 16.72 -18.48 36.88
CA PRO B 385 16.18 -19.20 38.06
C PRO B 385 15.29 -20.41 37.79
N THR B 386 14.75 -20.49 36.57
CA THR B 386 13.84 -21.57 36.19
C THR B 386 14.41 -22.55 35.16
N ASP B 387 15.59 -22.26 34.63
CA ASP B 387 16.20 -23.16 33.66
C ASP B 387 16.84 -24.34 34.40
N THR B 388 16.00 -25.12 35.08
CA THR B 388 16.44 -26.29 35.87
C THR B 388 17.43 -27.24 35.18
N GLU B 389 17.88 -28.21 35.97
CA GLU B 389 18.84 -29.22 35.53
C GLU B 389 18.37 -29.99 34.30
N ALA B 390 17.21 -30.64 34.39
CA ALA B 390 16.68 -31.40 33.26
C ALA B 390 16.73 -30.58 31.98
N GLU B 391 16.22 -29.35 32.05
CA GLU B 391 16.20 -28.46 30.89
C GLU B 391 17.57 -28.21 30.30
N LEU B 392 18.53 -27.86 31.17
CA LEU B 392 19.90 -27.57 30.77
C LEU B 392 20.64 -28.71 30.04
N ASN B 393 20.71 -29.87 30.70
CA ASN B 393 21.40 -31.05 30.17
C ASN B 393 20.88 -31.45 28.79
N LEU B 394 19.74 -30.88 28.42
CA LEU B 394 19.11 -31.14 27.13
C LEU B 394 19.69 -30.20 26.08
N LEU B 395 19.58 -28.89 26.34
CA LEU B 395 20.10 -27.87 25.43
C LEU B 395 21.61 -28.03 25.38
N TYR B 396 22.19 -28.35 26.53
CA TYR B 396 23.62 -28.57 26.65
C TYR B 396 24.11 -29.43 25.49
N GLU B 397 23.69 -30.70 25.51
CA GLU B 397 24.06 -31.68 24.50
C GLU B 397 23.45 -31.44 23.13
N LEU B 398 22.31 -30.77 23.09
CA LEU B 398 21.64 -30.50 21.83
C LEU B 398 22.48 -29.65 20.89
N CYS B 399 23.29 -28.75 21.43
CA CYS B 399 24.14 -27.88 20.61
C CYS B 399 25.23 -28.69 19.91
N ALA B 400 25.04 -30.00 19.81
CA ALA B 400 26.02 -30.88 19.17
C ALA B 400 26.41 -30.33 17.81
N LYS B 401 27.41 -29.44 17.80
CA LYS B 401 27.89 -28.83 16.55
C LYS B 401 29.13 -27.96 16.77
N ALA B 402 29.25 -27.37 17.96
CA ALA B 402 30.39 -26.52 18.30
C ALA B 402 30.33 -26.08 19.76
N GLY B 403 31.42 -25.51 20.26
CA GLY B 403 31.49 -25.07 21.66
C GLY B 403 30.16 -24.69 22.28
N ALA B 404 29.91 -25.10 23.52
CA ALA B 404 28.65 -24.79 24.20
C ALA B 404 28.82 -24.59 25.72
N GLU B 405 29.00 -23.34 26.15
CA GLU B 405 29.21 -23.00 27.57
C GLU B 405 28.12 -22.12 28.18
N VAL B 406 27.76 -22.40 29.43
CA VAL B 406 26.73 -21.61 30.14
C VAL B 406 27.38 -20.40 30.82
N ALA B 407 26.65 -19.29 30.89
CA ALA B 407 27.15 -18.05 31.50
C ALA B 407 26.15 -17.41 32.46
N LEU B 408 26.54 -17.23 33.72
CA LEU B 408 25.68 -16.62 34.73
C LEU B 408 26.22 -15.24 35.13
N SER B 409 26.60 -14.44 34.14
CA SER B 409 27.14 -13.09 34.36
C SER B 409 26.16 -12.21 35.13
N TRP B 410 24.88 -12.32 34.81
CA TRP B 410 23.85 -11.53 35.47
C TRP B 410 24.13 -11.35 36.96
N ALA B 411 23.77 -12.35 37.76
CA ALA B 411 23.96 -12.29 39.23
C ALA B 411 25.36 -12.64 39.76
N LYS B 412 26.32 -12.92 38.88
CA LYS B 412 27.66 -13.26 39.32
C LYS B 412 28.77 -12.37 38.76
N GLY B 413 28.41 -11.42 37.91
CA GLY B 413 29.41 -10.54 37.34
C GLY B 413 30.35 -11.28 36.42
N GLY B 414 31.52 -10.71 36.19
CA GLY B 414 32.51 -11.35 35.33
C GLY B 414 32.73 -12.80 35.67
N GLU B 415 32.29 -13.20 36.86
CA GLU B 415 32.43 -14.57 37.34
C GLU B 415 31.68 -15.56 36.46
N GLY B 416 30.34 -15.50 36.50
CA GLY B 416 29.52 -16.39 35.70
C GLY B 416 29.96 -16.49 34.23
N GLY B 417 30.93 -15.65 33.85
CA GLY B 417 31.41 -15.64 32.48
C GLY B 417 32.72 -16.39 32.28
N LEU B 418 33.37 -16.73 33.39
CA LEU B 418 34.64 -17.43 33.35
C LEU B 418 34.55 -18.69 32.48
N GLU B 419 33.68 -19.62 32.86
CA GLU B 419 33.50 -20.85 32.12
C GLU B 419 33.64 -20.54 30.63
N LEU B 420 32.64 -19.85 30.08
CA LEU B 420 32.63 -19.48 28.66
C LEU B 420 33.91 -18.76 28.27
N ALA B 421 34.39 -17.86 29.13
CA ALA B 421 35.60 -17.11 28.86
C ALA B 421 36.69 -18.03 28.29
N ARG B 422 37.12 -18.98 29.11
CA ARG B 422 38.14 -19.93 28.72
C ARG B 422 37.82 -20.46 27.31
N LYS B 423 36.57 -20.89 27.13
CA LYS B 423 36.09 -21.47 25.87
C LYS B 423 36.39 -20.65 24.61
N VAL B 424 36.08 -19.35 24.64
CA VAL B 424 36.31 -18.46 23.50
C VAL B 424 37.81 -18.35 23.20
N LEU B 425 38.62 -18.34 24.25
CA LEU B 425 40.07 -18.27 24.10
C LEU B 425 40.49 -19.59 23.46
N GLN B 426 40.09 -20.69 24.11
CA GLN B 426 40.38 -22.06 23.70
C GLN B 426 40.03 -22.36 22.25
N THR B 427 38.78 -22.06 21.89
CA THR B 427 38.25 -22.29 20.55
C THR B 427 38.59 -21.21 19.51
N LEU B 428 39.40 -20.24 19.92
CA LEU B 428 39.86 -19.13 19.06
C LEU B 428 41.37 -19.28 18.88
N GLU B 429 41.94 -20.12 19.73
CA GLU B 429 43.38 -20.41 19.76
C GLU B 429 43.69 -21.57 18.81
N SER B 430 42.80 -22.56 18.81
CA SER B 430 42.94 -23.74 17.97
C SER B 430 42.12 -23.66 16.68
N ARG B 431 41.09 -22.80 16.65
CA ARG B 431 40.25 -22.67 15.47
C ARG B 431 40.51 -21.38 14.67
N PRO B 432 41.45 -21.42 13.71
CA PRO B 432 41.85 -20.30 12.82
C PRO B 432 40.92 -20.12 11.61
N SER B 433 40.15 -19.05 11.61
CA SER B 433 39.21 -18.80 10.53
C SER B 433 39.72 -17.89 9.41
N ASN B 434 39.13 -18.10 8.23
CA ASN B 434 39.43 -17.36 7.01
C ASN B 434 38.12 -16.62 6.67
N PHE B 435 37.96 -15.41 7.18
CA PHE B 435 36.74 -14.64 6.92
C PHE B 435 36.49 -14.27 5.45
N HIS B 436 35.28 -14.58 5.00
CA HIS B 436 34.85 -14.28 3.63
C HIS B 436 33.39 -13.80 3.63
N VAL B 437 33.10 -12.84 2.75
CA VAL B 437 31.75 -12.32 2.64
C VAL B 437 30.83 -13.40 2.06
N LEU B 438 29.65 -13.55 2.63
CA LEU B 438 28.68 -14.56 2.19
C LEU B 438 28.09 -14.29 0.80
N TYR B 439 28.53 -13.19 0.18
CA TYR B 439 28.05 -12.82 -1.15
C TYR B 439 28.98 -11.80 -1.79
N ASN B 440 28.79 -11.50 -3.08
CA ASN B 440 29.67 -10.52 -3.70
C ASN B 440 29.02 -9.20 -4.05
N LEU B 441 29.82 -8.14 -3.96
CA LEU B 441 29.39 -6.79 -4.24
C LEU B 441 29.19 -6.57 -5.74
N ASP B 442 29.63 -7.53 -6.54
CA ASP B 442 29.51 -7.42 -7.99
C ASP B 442 28.37 -8.28 -8.56
N LEU B 443 27.68 -9.03 -7.68
CA LEU B 443 26.55 -9.86 -8.11
C LEU B 443 25.42 -8.95 -8.61
N SER B 444 24.19 -9.26 -8.22
CA SER B 444 23.05 -8.43 -8.62
C SER B 444 22.21 -8.17 -7.39
N ILE B 445 21.69 -6.94 -7.27
CA ILE B 445 20.87 -6.59 -6.13
C ILE B 445 19.86 -7.72 -5.96
N LYS B 446 19.36 -8.20 -7.10
CA LYS B 446 18.40 -9.29 -7.14
C LYS B 446 18.99 -10.62 -6.67
N ASP B 447 20.25 -10.87 -7.02
CA ASP B 447 20.91 -12.11 -6.63
C ASP B 447 21.56 -12.04 -5.24
N LYS B 448 21.90 -10.83 -4.79
CA LYS B 448 22.50 -10.65 -3.47
C LYS B 448 21.44 -10.94 -2.41
N ILE B 449 20.21 -10.49 -2.68
CA ILE B 449 19.08 -10.75 -1.79
C ILE B 449 18.89 -12.26 -1.81
N ALA B 450 19.06 -12.81 -3.01
CA ALA B 450 18.93 -14.23 -3.27
C ALA B 450 19.73 -15.09 -2.30
N LYS B 451 21.06 -14.91 -2.26
CA LYS B 451 21.90 -15.71 -1.38
C LYS B 451 21.78 -15.39 0.11
N ILE B 452 21.24 -14.21 0.42
CA ILE B 452 21.05 -13.81 1.80
C ILE B 452 19.74 -14.42 2.28
N ALA B 453 18.78 -14.52 1.37
CA ALA B 453 17.48 -15.10 1.67
C ALA B 453 17.61 -16.63 1.79
N THR B 454 18.24 -17.23 0.78
CA THR B 454 18.48 -18.68 0.71
C THR B 454 19.20 -19.26 1.93
N GLU B 455 20.52 -19.06 1.95
CA GLU B 455 21.41 -19.55 2.99
C GLU B 455 21.17 -19.09 4.44
N ILE B 456 20.90 -17.82 4.67
CA ILE B 456 20.70 -17.37 6.04
C ILE B 456 19.27 -17.46 6.59
N TYR B 457 18.32 -16.78 5.94
CA TYR B 457 16.94 -16.86 6.42
C TYR B 457 16.48 -18.27 6.12
N GLY B 458 16.43 -18.60 4.83
CA GLY B 458 16.01 -19.93 4.40
C GLY B 458 14.90 -19.84 3.37
N ALA B 459 14.97 -18.78 2.56
CA ALA B 459 13.98 -18.52 1.53
C ALA B 459 14.15 -19.45 0.35
N ASP B 460 13.09 -20.18 0.03
CA ASP B 460 13.14 -21.09 -1.11
C ASP B 460 13.25 -20.16 -2.31
N GLY B 461 12.78 -18.93 -2.12
CA GLY B 461 12.82 -17.93 -3.17
C GLY B 461 12.45 -16.55 -2.63
N VAL B 462 12.65 -15.53 -3.46
CA VAL B 462 12.34 -14.16 -3.06
C VAL B 462 11.47 -13.53 -4.14
N ASN B 463 10.39 -12.85 -3.73
CA ASN B 463 9.48 -12.20 -4.67
C ASN B 463 9.52 -10.68 -4.55
N TYR B 464 9.50 -9.99 -5.68
CA TYR B 464 9.57 -8.54 -5.72
C TYR B 464 8.34 -7.89 -6.36
N THR B 465 7.54 -7.17 -5.56
CA THR B 465 6.33 -6.52 -6.07
C THR B 465 6.65 -5.47 -7.13
N ALA B 466 5.61 -4.97 -7.80
CA ALA B 466 5.74 -3.98 -8.88
C ALA B 466 6.66 -2.80 -8.55
N GLU B 467 6.72 -2.44 -7.27
CA GLU B 467 7.55 -1.33 -6.80
C GLU B 467 8.98 -1.78 -6.62
N ALA B 468 9.17 -2.80 -5.79
CA ALA B 468 10.48 -3.36 -5.52
C ALA B 468 11.26 -3.53 -6.82
N ASP B 469 10.52 -3.75 -7.91
CA ASP B 469 11.14 -3.95 -9.22
C ASP B 469 11.56 -2.63 -9.87
N LYS B 470 10.59 -1.75 -10.11
CA LYS B 470 10.92 -0.45 -10.71
C LYS B 470 12.14 0.23 -10.08
N ALA B 471 12.15 0.28 -8.75
CA ALA B 471 13.26 0.91 -8.03
C ALA B 471 14.58 0.22 -8.36
N ILE B 472 14.67 -1.06 -8.03
CA ILE B 472 15.88 -1.85 -8.27
C ILE B 472 16.50 -1.46 -9.61
N GLN B 473 15.65 -1.47 -10.64
CA GLN B 473 16.06 -1.11 -11.99
C GLN B 473 16.63 0.31 -12.03
N ARG B 474 15.87 1.26 -11.51
CA ARG B 474 16.35 2.64 -11.51
C ARG B 474 17.72 2.65 -10.86
N TYR B 475 17.81 2.09 -9.65
CA TYR B 475 19.08 2.05 -8.91
C TYR B 475 20.26 1.54 -9.75
N GLU B 476 20.06 0.39 -10.38
CA GLU B 476 21.09 -0.20 -11.22
C GLU B 476 21.31 0.57 -12.53
N SER B 477 20.25 1.23 -13.01
CA SER B 477 20.33 2.04 -14.23
C SER B 477 21.05 3.36 -13.93
N LEU B 478 21.18 3.65 -12.64
CA LEU B 478 21.86 4.85 -12.15
C LEU B 478 23.29 4.48 -11.72
N GLY B 479 23.40 3.37 -11.00
CA GLY B 479 24.69 2.92 -10.54
C GLY B 479 24.68 2.44 -9.10
N TYR B 480 23.65 2.82 -8.36
CA TYR B 480 23.57 2.41 -6.96
C TYR B 480 23.16 0.93 -6.86
N GLY B 481 23.67 0.13 -7.81
CA GLY B 481 23.36 -1.29 -7.83
C GLY B 481 24.47 -2.19 -7.30
N ASN B 482 25.71 -1.72 -7.40
CA ASN B 482 26.88 -2.48 -6.95
C ASN B 482 27.11 -2.41 -5.45
N LEU B 483 26.07 -2.07 -4.70
CA LEU B 483 26.17 -1.93 -3.25
C LEU B 483 25.70 -3.16 -2.47
N PRO B 484 26.06 -3.25 -1.17
CA PRO B 484 25.65 -4.38 -0.34
C PRO B 484 24.13 -4.37 -0.19
N VAL B 485 23.61 -5.15 0.75
CA VAL B 485 22.16 -5.20 0.94
C VAL B 485 21.80 -5.36 2.40
N VAL B 486 21.03 -4.42 2.92
CA VAL B 486 20.57 -4.48 4.31
C VAL B 486 19.10 -4.93 4.33
N MET B 487 18.89 -6.20 4.68
CA MET B 487 17.55 -6.78 4.72
C MET B 487 16.63 -6.14 5.76
N ALA B 488 15.75 -5.26 5.27
CA ALA B 488 14.79 -4.56 6.12
C ALA B 488 13.53 -5.37 6.39
N LYS B 489 13.69 -6.48 7.10
CA LYS B 489 12.54 -7.34 7.40
C LYS B 489 12.36 -7.58 8.88
N THR B 490 11.16 -8.02 9.26
CA THR B 490 10.86 -8.29 10.67
C THR B 490 11.91 -9.20 11.26
N GLN B 491 12.45 -8.80 12.41
CA GLN B 491 13.50 -9.55 13.10
C GLN B 491 13.10 -10.82 13.87
N TYR B 492 11.81 -10.97 14.17
CA TYR B 492 11.35 -12.12 14.95
C TYR B 492 11.21 -13.47 14.23
N SER B 493 12.00 -13.66 13.17
CA SER B 493 12.01 -14.89 12.39
C SER B 493 12.77 -14.73 11.07
N PHE B 494 13.44 -15.80 10.65
CA PHE B 494 14.21 -15.82 9.41
C PHE B 494 13.24 -15.43 8.29
N SER B 495 11.97 -15.75 8.50
CA SER B 495 10.89 -15.46 7.55
C SER B 495 10.30 -14.08 7.85
N ASP B 496 9.69 -13.47 6.85
CA ASP B 496 9.09 -12.14 7.03
C ASP B 496 7.87 -12.20 7.97
N ASP B 497 7.34 -13.41 8.16
CA ASP B 497 6.18 -13.66 9.01
C ASP B 497 6.57 -13.58 10.50
N MET B 498 6.19 -12.48 11.14
CA MET B 498 6.50 -12.28 12.56
C MET B 498 5.90 -13.33 13.50
N THR B 499 5.20 -14.32 12.94
CA THR B 499 4.58 -15.36 13.77
C THR B 499 5.25 -16.73 13.65
N LYS B 500 6.05 -16.92 12.60
CA LYS B 500 6.74 -18.19 12.36
C LYS B 500 7.99 -18.39 13.22
N LEU B 501 7.82 -18.93 14.43
CA LEU B 501 8.97 -19.18 15.31
C LEU B 501 9.69 -20.45 14.86
N GLY B 502 10.77 -20.78 15.57
CA GLY B 502 11.54 -21.96 15.23
C GLY B 502 12.42 -21.75 14.01
N ARG B 503 12.47 -22.78 13.16
CA ARG B 503 13.26 -22.77 11.94
C ARG B 503 12.32 -22.90 10.72
N PRO B 504 11.43 -21.92 10.51
CA PRO B 504 10.47 -21.91 9.40
C PRO B 504 11.03 -22.40 8.07
N ARG B 505 10.29 -23.32 7.45
CA ARG B 505 10.68 -23.93 6.17
C ARG B 505 9.64 -23.71 5.09
N ASN B 506 10.02 -24.03 3.87
CA ASN B 506 9.15 -23.95 2.71
C ASN B 506 8.62 -22.55 2.44
N PHE B 507 8.88 -21.61 3.35
CA PHE B 507 8.39 -20.26 3.18
C PHE B 507 8.97 -19.54 1.95
N THR B 508 8.89 -18.22 1.97
CA THR B 508 9.40 -17.40 0.89
C THR B 508 9.38 -15.96 1.40
N ILE B 509 10.33 -15.15 0.96
CA ILE B 509 10.35 -13.77 1.41
C ILE B 509 9.97 -12.89 0.23
N THR B 510 9.01 -11.99 0.44
CA THR B 510 8.58 -11.08 -0.62
C THR B 510 9.08 -9.69 -0.29
N VAL B 511 9.66 -9.03 -1.27
CA VAL B 511 10.12 -7.67 -1.03
C VAL B 511 9.09 -6.75 -1.65
N ARG B 512 8.45 -5.96 -0.79
CA ARG B 512 7.45 -5.00 -1.22
C ARG B 512 8.13 -3.73 -1.71
N GLU B 513 8.97 -3.15 -0.86
CA GLU B 513 9.67 -1.92 -1.21
C GLU B 513 11.19 -2.07 -1.24
N VAL B 514 11.88 -1.00 -1.66
CA VAL B 514 13.34 -0.98 -1.75
C VAL B 514 13.91 0.43 -1.71
N ARG B 515 14.38 0.84 -0.52
CA ARG B 515 14.96 2.17 -0.32
C ARG B 515 16.49 2.22 -0.45
N LEU B 516 16.98 3.18 -1.24
CA LEU B 516 18.42 3.37 -1.45
C LEU B 516 19.09 4.28 -0.42
N SER B 517 20.20 3.80 0.13
CA SER B 517 20.96 4.59 1.11
C SER B 517 22.39 4.82 0.59
N ALA B 518 22.57 5.83 -0.24
CA ALA B 518 23.89 6.14 -0.81
C ALA B 518 24.89 6.63 0.24
N GLY B 519 24.71 6.16 1.47
CA GLY B 519 25.59 6.48 2.59
C GLY B 519 25.83 5.10 3.15
N GLY B 520 26.08 4.17 2.24
CA GLY B 520 26.30 2.79 2.58
C GLY B 520 25.73 1.86 1.51
N ARG B 521 24.70 1.09 1.87
CA ARG B 521 24.08 0.13 0.95
C ARG B 521 22.63 0.28 0.46
N LEU B 522 21.92 -0.85 0.45
CA LEU B 522 20.54 -0.91 -0.01
C LEU B 522 19.61 -1.61 0.98
N ILE B 523 18.56 -0.90 1.37
CA ILE B 523 17.59 -1.43 2.30
C ILE B 523 16.43 -1.98 1.49
N VAL B 524 16.26 -3.29 1.56
CA VAL B 524 15.18 -3.96 0.85
C VAL B 524 14.13 -4.27 1.92
N PRO B 525 13.12 -3.39 2.06
CA PRO B 525 12.07 -3.60 3.07
C PRO B 525 11.10 -4.69 2.70
N ILE B 526 10.77 -5.52 3.69
CA ILE B 526 9.88 -6.67 3.52
C ILE B 526 8.44 -6.38 3.95
N THR B 527 8.12 -6.69 5.20
CA THR B 527 6.79 -6.40 5.68
C THR B 527 6.82 -4.91 6.05
N GLY B 528 5.91 -4.45 6.91
CA GLY B 528 5.93 -3.04 7.28
C GLY B 528 6.99 -2.63 8.29
N ALA B 529 8.24 -3.05 8.09
CA ALA B 529 9.33 -2.72 9.01
C ALA B 529 9.78 -1.27 8.85
N ILE B 530 8.81 -0.36 8.77
CA ILE B 530 9.10 1.06 8.59
C ILE B 530 8.84 1.84 9.89
N MET B 531 8.99 1.17 11.02
CA MET B 531 8.78 1.84 12.32
C MET B 531 9.95 2.81 12.60
N THR B 532 10.23 3.70 11.63
CA THR B 532 11.31 4.66 11.75
C THR B 532 11.00 5.82 12.69
N MET B 533 9.91 5.68 13.43
CA MET B 533 9.48 6.67 14.41
C MET B 533 8.43 6.02 15.31
N PRO B 534 8.88 5.50 16.47
CA PRO B 534 7.99 4.86 17.44
C PRO B 534 7.04 5.89 18.09
N GLY B 535 6.36 5.47 19.15
CA GLY B 535 5.45 6.36 19.83
C GLY B 535 5.17 5.97 21.27
N LEU B 536 5.38 6.91 22.17
CA LEU B 536 5.15 6.73 23.59
C LEU B 536 3.83 5.98 23.82
N PRO B 537 3.62 5.40 25.02
CA PRO B 537 2.40 4.66 25.40
C PRO B 537 1.38 5.59 26.08
N LYS B 538 0.23 5.04 26.49
CA LYS B 538 -0.78 5.86 27.17
C LYS B 538 -0.37 6.08 28.64
N ARG B 539 0.67 5.38 29.06
CA ARG B 539 1.21 5.49 30.42
C ARG B 539 2.73 5.60 30.29
N PRO B 540 3.22 6.78 29.85
CA PRO B 540 4.65 7.11 29.66
C PRO B 540 5.49 7.28 30.94
N ALA B 541 6.74 6.87 30.85
CA ALA B 541 7.66 7.01 31.98
C ALA B 541 7.93 8.49 32.18
N ALA B 542 7.61 9.29 31.16
CA ALA B 542 7.80 10.74 31.24
C ALA B 542 6.88 11.30 32.32
N CYS B 543 5.60 10.94 32.25
CA CYS B 543 4.60 11.41 33.22
C CYS B 543 5.02 11.04 34.64
N ASN B 544 5.86 10.03 34.73
CA ASN B 544 6.30 9.52 36.03
C ASN B 544 7.73 9.88 36.46
N ILE B 545 8.53 10.43 35.55
CA ILE B 545 9.90 10.80 35.90
C ILE B 545 9.97 12.12 36.66
N ASP B 546 10.77 12.11 37.73
CA ASP B 546 10.94 13.29 38.56
C ASP B 546 12.40 13.29 39.03
N ILE B 547 12.99 14.48 39.18
CA ILE B 547 14.36 14.57 39.67
C ILE B 547 14.31 15.27 41.03
N ASP B 548 14.70 14.52 42.05
CA ASP B 548 14.72 15.01 43.43
C ASP B 548 15.55 16.27 43.53
N ALA B 549 15.37 17.03 44.62
CA ALA B 549 16.14 18.24 44.84
C ALA B 549 17.61 17.80 44.88
N ASP B 550 17.81 16.51 44.60
CA ASP B 550 19.10 15.84 44.57
C ASP B 550 19.22 15.04 43.28
N GLY B 551 18.72 13.80 43.30
CA GLY B 551 18.83 12.95 42.12
C GLY B 551 17.60 12.23 41.60
N VAL B 552 17.67 11.89 40.32
CA VAL B 552 16.63 11.18 39.55
C VAL B 552 15.85 10.12 40.31
N ILE B 553 14.58 9.96 39.94
CA ILE B 553 13.73 8.97 40.58
C ILE B 553 12.66 8.44 39.63
N THR B 554 12.86 7.22 39.13
CA THR B 554 11.93 6.52 38.23
C THR B 554 12.38 6.38 36.77
N GLY B 555 13.47 7.04 36.41
CA GLY B 555 13.97 6.95 35.04
C GLY B 555 14.34 5.52 34.65
S SO4 C . -19.19 2.22 -21.06
O1 SO4 C . -18.55 2.08 -22.28
O2 SO4 C . -20.39 1.48 -21.15
O3 SO4 C . -18.33 1.74 -20.03
O4 SO4 C . -19.45 3.61 -20.90
S SO4 D . -6.19 6.95 -9.28
O1 SO4 D . -5.33 7.59 -10.16
O2 SO4 D . -6.78 5.88 -10.01
O3 SO4 D . -5.45 6.51 -8.15
O4 SO4 D . -7.17 7.91 -8.91
S SO4 E . -45.06 14.83 -9.86
O1 SO4 E . -44.24 13.72 -9.70
O2 SO4 E . -46.38 14.39 -9.57
O3 SO4 E . -44.62 15.87 -8.99
O4 SO4 E . -44.94 15.23 -11.22
S SO4 F . -3.97 11.08 -13.99
O1 SO4 F . -3.69 9.75 -13.76
O2 SO4 F . -5.33 11.28 -13.61
O3 SO4 F . -3.06 11.88 -13.25
O4 SO4 F . -3.80 11.29 -15.39
S SO4 G . -31.34 -13.98 -2.97
O1 SO4 G . -31.86 -15.02 -3.73
O2 SO4 G . -31.73 -14.23 -1.63
O3 SO4 G . -29.93 -13.94 -3.14
O4 SO4 G . -31.95 -12.79 -3.46
S SO4 H . -18.36 1.99 -35.51
O1 SO4 H . -18.12 0.64 -35.70
O2 SO4 H . -19.06 2.10 -34.28
O3 SO4 H . -17.12 2.69 -35.51
O4 SO4 H . -19.18 2.40 -36.60
S SO4 I . -28.05 7.40 -43.98
O1 SO4 I . -26.98 8.20 -43.58
O2 SO4 I . -28.74 7.03 -42.80
O3 SO4 I . -28.85 8.14 -44.89
O4 SO4 I . -27.48 6.27 -44.62
CS CS J . -23.45 16.01 -18.40
S SO4 K . 19.45 -5.46 20.02
O1 SO4 K . 20.33 -4.84 19.16
O2 SO4 K . 18.83 -6.51 19.30
O3 SO4 K . 20.16 -5.90 21.17
O4 SO4 K . 18.49 -4.47 20.37
S SO4 L . 2.25 3.22 17.27
O1 SO4 L . 3.52 3.33 16.72
O2 SO4 L . 2.09 1.88 17.67
O3 SO4 L . 2.13 4.14 18.35
O4 SO4 L . 1.34 3.57 16.22
S SO4 M . 41.88 15.92 17.62
O1 SO4 M . 43.23 15.61 17.82
O2 SO4 M . 41.28 14.76 17.07
O3 SO4 M . 41.31 16.30 18.87
O4 SO4 M . 41.86 17.00 16.70
S SO4 N . 8.40 10.84 -1.29
O1 SO4 N . 9.05 11.33 -0.15
O2 SO4 N . 8.65 9.45 -1.34
O3 SO4 N . 7.02 11.17 -1.21
O4 SO4 N . 9.01 11.51 -2.40
CS CS O . 21.13 8.55 24.81
#